data_5IK3
#
_entry.id   5IK3
#
_cell.length_a   77.280
_cell.length_b   138.810
_cell.length_c   91.720
_cell.angle_alpha   90.00
_cell.angle_beta   108.20
_cell.angle_gamma   90.00
#
_symmetry.space_group_name_H-M   'C 1 2 1'
#
loop_
_entity.id
_entity.type
_entity.pdbx_description
1 polymer '1E03 Fab fragment heavy chain'
2 polymer '1E03 Fab fragment light chain'
3 non-polymer 'SULFATE ION'
4 water water
#
loop_
_entity_poly.entity_id
_entity_poly.type
_entity_poly.pdbx_seq_one_letter_code
_entity_poly.pdbx_strand_id
1 'polypeptide(L)'
;EVQLVESGGGLVKPGGSLRLSCAASGFTFSNAWFNWVRQAPGKGLEWVGRIKTNTDGGTTDYAAPVKGRFTISRDDSKNT
LYLQMNSLKTEDTAVYYCTTGEPLVNHITILDYWGQGTLVTVSSASTKGPSVFPLAPSSKSTSGGTAALGCLVKDYFPEP
VTVSWNSGALTSGVHTFPAVLQSSGLYSLSSVVTVPSSSLGTQTYICNVNHKPSNTKVDKKVEPKSCD
;
A,C
2 'polypeptide(L)'
;DIVMTQSPDSLAVSLGERATINCKSSQSVLYSSNNKNYLAWYQQKPGQPPKLLIYWASTRESGVPDRFSGSGSGTDFTLT
ISSLQAEDVAVYYCQQYYRTPPLTFGGGTKVEIKRTVAAPSVFIFPPSDEQLKSGTASVVCLLNNFYPREAKVQWKVDNA
LQSGNSQESVTEQDSKDSTYSLSSTLTLSKADYEKHKVYACEVTHQGLSSPVTKSFNRGEC
;
B,D
#
# COMPACT_ATOMS: atom_id res chain seq x y z
N GLU A 1 2.20 5.57 -3.72
CA GLU A 1 2.83 4.24 -3.76
C GLU A 1 1.97 3.34 -4.62
N VAL A 2 2.59 2.36 -5.26
CA VAL A 2 1.82 1.41 -6.08
C VAL A 2 0.99 0.53 -5.15
N GLN A 3 -0.26 0.25 -5.54
CA GLN A 3 -1.12 -0.69 -4.81
C GLN A 3 -1.75 -1.64 -5.83
N LEU A 4 -1.86 -2.91 -5.43
CA LEU A 4 -2.48 -3.97 -6.23
C LEU A 4 -3.28 -4.79 -5.24
N VAL A 5 -4.60 -4.72 -5.30
CA VAL A 5 -5.46 -5.39 -4.34
C VAL A 5 -6.22 -6.48 -5.09
N GLU A 6 -6.02 -7.73 -4.70
CA GLU A 6 -6.71 -8.83 -5.37
C GLU A 6 -7.92 -9.30 -4.62
N SER A 7 -8.84 -9.92 -5.37
CA SER A 7 -10.00 -10.54 -4.76
C SER A 7 -10.49 -11.62 -5.71
N GLY A 8 -11.38 -12.45 -5.20
CA GLY A 8 -12.09 -13.42 -6.03
C GLY A 8 -11.78 -14.87 -5.75
N GLY A 9 -10.75 -15.17 -4.98
CA GLY A 9 -10.44 -16.56 -4.72
C GLY A 9 -11.47 -17.21 -3.83
N GLY A 10 -11.57 -18.53 -3.94
CA GLY A 10 -12.44 -19.29 -3.07
C GLY A 10 -12.41 -20.76 -3.47
N LEU A 11 -13.36 -21.52 -2.92
CA LEU A 11 -13.50 -22.95 -3.21
C LEU A 11 -14.33 -23.13 -4.45
N VAL A 12 -13.89 -24.04 -5.32
CA VAL A 12 -14.62 -24.33 -6.54
C VAL A 12 -14.43 -25.80 -6.87
N LYS A 13 -15.50 -26.40 -7.40
CA LYS A 13 -15.47 -27.80 -7.79
C LYS A 13 -14.66 -28.00 -9.07
N PRO A 14 -14.05 -29.17 -9.25
CA PRO A 14 -13.38 -29.47 -10.53
C PRO A 14 -14.34 -29.30 -11.69
N GLY A 15 -13.81 -28.71 -12.78
CA GLY A 15 -14.59 -28.36 -13.95
C GLY A 15 -15.31 -27.02 -13.83
N GLY A 16 -15.30 -26.40 -12.66
CA GLY A 16 -15.97 -25.13 -12.43
C GLY A 16 -15.09 -23.97 -12.90
N SER A 17 -15.57 -22.76 -12.61
CA SER A 17 -14.95 -21.53 -13.10
C SER A 17 -14.91 -20.46 -12.01
N LEU A 18 -13.98 -19.52 -12.13
CA LEU A 18 -13.79 -18.50 -11.11
C LEU A 18 -13.20 -17.27 -11.80
N ARG A 19 -13.54 -16.07 -11.34
CA ARG A 19 -12.88 -14.86 -11.87
C ARG A 19 -12.16 -14.13 -10.76
N LEU A 20 -10.88 -13.88 -10.97
CA LEU A 20 -10.06 -13.12 -10.03
C LEU A 20 -9.92 -11.69 -10.55
N SER A 21 -9.77 -10.76 -9.59
CA SER A 21 -9.64 -9.32 -9.89
C SER A 21 -8.41 -8.77 -9.21
N CYS A 22 -7.87 -7.70 -9.79
CA CYS A 22 -6.68 -7.06 -9.21
C CYS A 22 -6.89 -5.56 -9.46
N ALA A 23 -7.24 -4.82 -8.40
CA ALA A 23 -7.50 -3.38 -8.50
C ALA A 23 -6.24 -2.60 -8.19
N ALA A 24 -5.86 -1.69 -9.08
CA ALA A 24 -4.57 -1.01 -9.04
C ALA A 24 -4.73 0.46 -8.73
N SER A 25 -3.67 1.05 -8.13
CA SER A 25 -3.56 2.49 -8.06
C SER A 25 -2.08 2.83 -8.00
N GLY A 26 -1.76 4.11 -8.17
CA GLY A 26 -0.40 4.58 -7.95
C GLY A 26 0.54 4.55 -9.14
N PHE A 27 0.05 4.20 -10.35
CA PHE A 27 0.86 4.24 -11.56
C PHE A 27 -0.12 4.37 -12.72
N THR A 28 0.40 4.65 -13.92
CA THR A 28 -0.47 4.76 -15.10
C THR A 28 -0.85 3.37 -15.58
N PHE A 29 -2.06 2.94 -15.21
CA PHE A 29 -2.49 1.58 -15.48
C PHE A 29 -2.44 1.25 -16.97
N SER A 30 -2.82 2.22 -17.82
CA SER A 30 -2.95 1.96 -19.25
C SER A 30 -1.62 1.72 -19.93
N ASN A 31 -0.51 2.08 -19.28
CA ASN A 31 0.84 1.90 -19.80
C ASN A 31 1.56 0.65 -19.29
N ALA A 32 0.92 -0.13 -18.41
CA ALA A 32 1.54 -1.26 -17.71
C ALA A 32 1.19 -2.57 -18.39
N TRP A 33 2.19 -3.41 -18.59
CA TRP A 33 1.96 -4.82 -18.87
C TRP A 33 1.79 -5.55 -17.55
N PHE A 34 0.97 -6.60 -17.57
CA PHE A 34 0.71 -7.35 -16.33
C PHE A 34 0.97 -8.83 -16.52
N ASN A 35 1.40 -9.48 -15.45
CA ASN A 35 1.61 -10.92 -15.38
C ASN A 35 0.82 -11.48 -14.20
N TRP A 36 0.27 -12.67 -14.37
CA TRP A 36 -0.20 -13.45 -13.23
C TRP A 36 0.78 -14.57 -12.95
N VAL A 37 1.03 -14.83 -11.66
CA VAL A 37 1.96 -15.85 -11.19
C VAL A 37 1.20 -16.59 -10.11
N ARG A 38 1.39 -17.92 -10.01
CA ARG A 38 0.73 -18.66 -8.94
C ARG A 38 1.74 -19.45 -8.12
N GLN A 39 1.31 -19.85 -6.92
CA GLN A 39 2.17 -20.59 -5.99
C GLN A 39 1.31 -21.61 -5.26
N ALA A 40 1.50 -22.88 -5.61
CA ALA A 40 0.76 -23.92 -4.90
C ALA A 40 1.22 -24.01 -3.45
N PRO A 41 0.35 -24.45 -2.54
CA PRO A 41 0.71 -24.49 -1.12
C PRO A 41 2.01 -25.22 -0.85
N GLY A 42 2.95 -24.54 -0.21
CA GLY A 42 4.23 -25.12 0.10
C GLY A 42 5.16 -25.31 -1.07
N LYS A 43 4.84 -24.79 -2.26
CA LYS A 43 5.62 -25.00 -3.46
C LYS A 43 6.21 -23.67 -3.97
N GLY A 44 6.81 -23.73 -5.16
CA GLY A 44 7.47 -22.59 -5.75
C GLY A 44 6.55 -21.73 -6.60
N LEU A 45 7.16 -20.81 -7.34
CA LEU A 45 6.45 -19.81 -8.15
C LEU A 45 6.35 -20.25 -9.62
N GLU A 46 5.15 -20.14 -10.21
CA GLU A 46 4.92 -20.54 -11.59
C GLU A 46 4.21 -19.41 -12.33
N TRP A 47 4.82 -18.94 -13.41
CA TRP A 47 4.14 -17.96 -14.27
C TRP A 47 2.86 -18.53 -14.86
N VAL A 48 1.83 -17.70 -14.92
CA VAL A 48 0.54 -18.11 -15.44
C VAL A 48 0.25 -17.48 -16.80
N GLY A 49 0.43 -16.16 -16.92
CA GLY A 49 0.20 -15.53 -18.22
C GLY A 49 0.48 -14.04 -18.15
N ARG A 50 0.45 -13.40 -19.32
CA ARG A 50 0.79 -12.00 -19.47
C ARG A 50 -0.25 -11.31 -20.34
N ILE A 51 -0.53 -10.03 -20.06
CA ILE A 51 -1.31 -9.24 -21.01
C ILE A 51 -0.54 -7.95 -21.31
N LYS A 52 -0.47 -7.57 -22.58
CA LYS A 52 0.20 -6.34 -22.96
C LYS A 52 -0.75 -5.13 -22.84
N THR A 53 -0.18 -3.94 -23.08
CA THR A 53 -0.97 -2.73 -23.25
C THR A 53 -1.69 -2.74 -24.60
N ASN A 54 -2.70 -1.89 -24.68
CA ASN A 54 -3.41 -1.78 -25.94
C ASN A 54 -2.50 -1.25 -27.04
N THR A 55 -1.56 -0.38 -26.66
CA THR A 55 -0.60 0.16 -27.63
C THR A 55 0.20 -0.95 -28.29
N ASP A 56 0.53 -1.98 -27.51
CA ASP A 56 1.26 -3.13 -28.00
C ASP A 56 0.35 -4.27 -28.41
N GLY A 57 -0.93 -3.98 -28.67
CA GLY A 57 -1.82 -4.97 -29.24
C GLY A 57 -2.73 -5.66 -28.24
N GLY A 58 -2.53 -5.43 -26.95
CA GLY A 58 -3.31 -6.07 -25.90
C GLY A 58 -3.21 -7.57 -25.88
N THR A 59 -2.17 -8.14 -26.49
CA THR A 59 -2.08 -9.58 -26.67
C THR A 59 -1.84 -10.30 -25.33
N THR A 60 -2.35 -11.53 -25.25
CA THR A 60 -2.18 -12.36 -24.06
C THR A 60 -1.35 -13.59 -24.43
N ASP A 61 -0.60 -14.12 -23.47
CA ASP A 61 -0.03 -15.44 -23.67
C ASP A 61 -0.05 -16.14 -22.33
N TYR A 62 0.09 -17.47 -22.35
CA TYR A 62 -0.24 -18.28 -21.18
C TYR A 62 0.78 -19.40 -21.00
N ALA A 63 0.97 -19.84 -19.75
CA ALA A 63 1.73 -21.05 -19.52
C ALA A 63 1.01 -22.27 -20.09
N ALA A 64 1.79 -23.23 -20.57
CA ALA A 64 1.23 -24.42 -21.22
C ALA A 64 0.17 -25.11 -20.39
N PRO A 65 0.32 -25.30 -19.08
CA PRO A 65 -0.73 -26.02 -18.33
C PRO A 65 -2.06 -25.29 -18.23
N VAL A 66 -2.16 -24.01 -18.55
CA VAL A 66 -3.44 -23.31 -18.43
C VAL A 66 -3.94 -22.82 -19.77
N LYS A 67 -3.15 -22.96 -20.84
CA LYS A 67 -3.58 -22.48 -22.14
C LYS A 67 -4.88 -23.16 -22.56
N GLY A 68 -5.81 -22.36 -23.05
CA GLY A 68 -7.12 -22.83 -23.44
C GLY A 68 -8.17 -22.78 -22.34
N ARG A 69 -7.75 -22.66 -21.07
CA ARG A 69 -8.68 -22.63 -19.95
C ARG A 69 -8.75 -21.30 -19.22
N PHE A 70 -7.67 -20.53 -19.22
CA PHE A 70 -7.64 -19.24 -18.54
C PHE A 70 -7.62 -18.11 -19.56
N THR A 71 -8.24 -16.99 -19.19
CA THR A 71 -8.26 -15.80 -20.04
C THR A 71 -7.95 -14.60 -19.17
N ILE A 72 -6.98 -13.81 -19.60
CA ILE A 72 -6.61 -12.60 -18.87
C ILE A 72 -7.28 -11.46 -19.60
N SER A 73 -7.79 -10.48 -18.85
CA SER A 73 -8.32 -9.29 -19.47
C SER A 73 -8.00 -8.09 -18.59
N ARG A 74 -8.25 -6.90 -19.13
CA ARG A 74 -7.98 -5.67 -18.38
C ARG A 74 -9.10 -4.67 -18.68
N ASP A 75 -9.43 -3.86 -17.66
CA ASP A 75 -10.43 -2.81 -17.83
C ASP A 75 -9.71 -1.53 -17.48
N ASP A 76 -9.18 -0.85 -18.50
CA ASP A 76 -8.39 0.35 -18.29
C ASP A 76 -9.22 1.45 -17.63
N SER A 77 -10.51 1.50 -17.90
CA SER A 77 -11.31 2.57 -17.29
C SER A 77 -11.52 2.36 -15.79
N LYS A 78 -11.40 1.13 -15.29
CA LYS A 78 -11.48 0.86 -13.86
C LYS A 78 -10.12 0.57 -13.22
N ASN A 79 -9.03 0.68 -13.98
CA ASN A 79 -7.70 0.27 -13.52
C ASN A 79 -7.75 -1.09 -12.82
N THR A 80 -8.38 -2.09 -13.47
CA THR A 80 -8.48 -3.41 -12.86
C THR A 80 -8.09 -4.46 -13.88
N LEU A 81 -7.32 -5.45 -13.43
CA LEU A 81 -6.86 -6.58 -14.21
C LEU A 81 -7.65 -7.82 -13.77
N TYR A 82 -7.95 -8.74 -14.71
CA TYR A 82 -8.73 -9.94 -14.34
C TYR A 82 -8.05 -11.22 -14.81
N LEU A 83 -8.41 -12.30 -14.13
CA LEU A 83 -8.07 -13.64 -14.62
C LEU A 83 -9.33 -14.48 -14.54
N GLN A 84 -9.84 -14.91 -15.71
CA GLN A 84 -11.00 -15.79 -15.82
C GLN A 84 -10.48 -17.21 -15.94
N MET A 85 -10.88 -18.07 -15.00
CA MET A 85 -10.33 -19.43 -14.90
C MET A 85 -11.48 -20.40 -15.14
N ASN A 86 -11.39 -21.18 -16.20
CA ASN A 86 -12.40 -22.15 -16.59
C ASN A 86 -11.85 -23.57 -16.48
N SER A 87 -12.76 -24.55 -16.50
CA SER A 87 -12.37 -25.96 -16.56
C SER A 87 -11.32 -26.27 -15.51
N LEU A 88 -11.63 -25.89 -14.29
CA LEU A 88 -10.63 -25.88 -13.21
C LEU A 88 -10.26 -27.30 -12.79
N LYS A 89 -8.99 -27.50 -12.48
CA LYS A 89 -8.45 -28.80 -12.09
C LYS A 89 -7.88 -28.70 -10.69
N THR A 90 -7.72 -29.84 -10.02
CA THR A 90 -7.18 -29.82 -8.67
C THR A 90 -5.79 -29.20 -8.67
N GLU A 91 -5.02 -29.42 -9.73
CA GLU A 91 -3.68 -28.85 -9.74
C GLU A 91 -3.66 -27.34 -9.95
N ASP A 92 -4.79 -26.72 -10.21
CA ASP A 92 -4.86 -25.25 -10.22
C ASP A 92 -4.93 -24.65 -8.82
N THR A 93 -5.01 -25.47 -7.79
CA THR A 93 -5.05 -24.96 -6.43
C THR A 93 -3.78 -24.18 -6.11
N ALA A 94 -3.95 -22.92 -5.77
CA ALA A 94 -2.77 -22.07 -5.55
C ALA A 94 -3.20 -20.70 -5.06
N VAL A 95 -2.23 -19.96 -4.54
CA VAL A 95 -2.35 -18.53 -4.37
C VAL A 95 -1.96 -17.87 -5.68
N TYR A 96 -2.80 -16.94 -6.16
CA TYR A 96 -2.61 -16.29 -7.44
C TYR A 96 -2.23 -14.85 -7.17
N TYR A 97 -1.13 -14.39 -7.80
CA TYR A 97 -0.59 -13.04 -7.64
C TYR A 97 -0.71 -12.32 -8.97
N CYS A 98 -1.18 -11.07 -8.91
CA CYS A 98 -0.98 -10.19 -10.06
C CYS A 98 0.30 -9.39 -9.81
N THR A 99 1.03 -9.10 -10.90
CA THR A 99 2.29 -8.39 -10.82
C THR A 99 2.45 -7.44 -12.00
N THR A 100 3.32 -6.44 -11.82
CA THR A 100 3.75 -5.61 -12.93
C THR A 100 5.17 -5.11 -12.64
N GLY A 101 5.75 -4.38 -13.58
CA GLY A 101 7.10 -3.88 -13.33
C GLY A 101 7.36 -2.43 -13.69
N HIS A 107 6.85 -3.95 -21.53
CA HIS A 107 8.06 -3.59 -20.78
C HIS A 107 8.78 -4.84 -20.30
N ILE A 108 10.11 -4.71 -20.13
CA ILE A 108 10.94 -5.81 -19.66
C ILE A 108 10.35 -6.41 -18.41
N THR A 109 10.46 -7.73 -18.28
CA THR A 109 9.72 -8.42 -17.26
C THR A 109 10.62 -8.60 -16.05
N ILE A 110 10.64 -7.56 -15.23
CA ILE A 110 11.21 -7.56 -13.88
C ILE A 110 10.01 -7.31 -12.98
N LEU A 111 9.62 -8.30 -12.18
CA LEU A 111 8.34 -8.20 -11.46
C LEU A 111 8.56 -7.37 -10.19
N ASP A 112 8.35 -6.05 -10.28
CA ASP A 112 8.67 -5.19 -9.15
C ASP A 112 7.50 -4.99 -8.19
N TYR A 113 6.26 -5.13 -8.65
CA TYR A 113 5.09 -4.88 -7.81
C TYR A 113 4.18 -6.09 -7.83
N TRP A 114 3.71 -6.51 -6.65
CA TRP A 114 2.89 -7.72 -6.51
C TRP A 114 1.66 -7.42 -5.69
N GLY A 115 0.51 -8.01 -6.07
CA GLY A 115 -0.64 -7.95 -5.19
C GLY A 115 -0.44 -8.88 -4.03
N GLN A 116 -1.40 -8.85 -3.09
CA GLN A 116 -1.22 -9.60 -1.86
C GLN A 116 -1.49 -11.10 -2.01
N GLY A 117 -2.09 -11.51 -3.12
CA GLY A 117 -2.41 -12.92 -3.35
C GLY A 117 -3.87 -13.23 -3.00
N THR A 118 -4.46 -14.15 -3.76
CA THR A 118 -5.82 -14.64 -3.45
C THR A 118 -5.79 -16.17 -3.68
N LEU A 119 -6.34 -16.93 -2.72
CA LEU A 119 -6.22 -18.39 -2.71
C LEU A 119 -7.38 -19.03 -3.47
N VAL A 120 -7.06 -19.88 -4.43
CA VAL A 120 -8.06 -20.66 -5.16
C VAL A 120 -7.90 -22.12 -4.76
N THR A 121 -8.96 -22.74 -4.25
CA THR A 121 -8.93 -24.15 -3.87
C THR A 121 -9.88 -24.91 -4.77
N VAL A 122 -9.38 -25.89 -5.48
CA VAL A 122 -10.22 -26.69 -6.38
C VAL A 122 -10.40 -28.07 -5.76
N SER A 123 -11.62 -28.40 -5.36
CA SER A 123 -11.89 -29.64 -4.62
C SER A 123 -13.36 -29.99 -4.75
N SER A 124 -13.68 -31.30 -4.80
CA SER A 124 -15.09 -31.66 -4.74
C SER A 124 -15.69 -31.69 -3.32
N ALA A 125 -14.88 -31.57 -2.27
CA ALA A 125 -15.43 -31.67 -0.92
C ALA A 125 -16.20 -30.40 -0.56
N SER A 126 -17.22 -30.57 0.29
CA SER A 126 -18.08 -29.45 0.63
C SER A 126 -17.49 -28.61 1.74
N THR A 127 -17.90 -27.35 1.76
CA THR A 127 -17.46 -26.45 2.83
C THR A 127 -18.03 -26.89 4.18
N LYS A 128 -17.25 -26.68 5.24
CA LYS A 128 -17.69 -27.00 6.60
C LYS A 128 -17.05 -26.00 7.55
N GLY A 129 -17.86 -25.33 8.39
CA GLY A 129 -17.32 -24.39 9.37
C GLY A 129 -16.79 -25.09 10.60
N PRO A 130 -15.87 -24.45 11.29
CA PRO A 130 -15.18 -25.10 12.40
C PRO A 130 -15.96 -25.02 13.70
N SER A 131 -15.62 -25.93 14.60
CA SER A 131 -15.96 -25.80 16.01
C SER A 131 -14.78 -25.16 16.71
N VAL A 132 -15.06 -24.28 17.68
CA VAL A 132 -14.00 -23.52 18.36
C VAL A 132 -14.06 -23.81 19.85
N PHE A 133 -12.95 -24.29 20.41
CA PHE A 133 -12.89 -24.69 21.82
C PHE A 133 -11.79 -23.90 22.52
N PRO A 134 -11.97 -23.54 23.78
CA PRO A 134 -10.90 -22.85 24.54
C PRO A 134 -9.76 -23.80 24.90
N LEU A 135 -8.55 -23.23 24.95
CA LEU A 135 -7.36 -23.86 25.53
C LEU A 135 -7.09 -23.06 26.80
N ALA A 136 -7.63 -23.52 27.89
CA ALA A 136 -7.76 -22.74 29.10
C ALA A 136 -6.41 -22.63 29.81
N PRO A 137 -6.05 -21.45 30.28
CA PRO A 137 -4.83 -21.32 31.06
C PRO A 137 -5.05 -21.91 32.44
N SER A 138 -3.96 -22.39 33.05
CA SER A 138 -4.04 -23.04 34.35
C SER A 138 -2.64 -23.05 34.96
N SER A 139 -2.49 -23.73 36.11
CA SER A 139 -1.15 -23.96 36.64
C SER A 139 -0.28 -24.72 35.65
N LYS A 140 -0.89 -25.41 34.69
CA LYS A 140 -0.13 -26.20 33.73
C LYS A 140 0.24 -25.41 32.47
N SER A 141 -0.07 -24.10 32.40
CA SER A 141 0.32 -23.33 31.22
C SER A 141 1.04 -22.04 31.59
N THR A 142 1.76 -22.05 32.71
CA THR A 142 2.39 -20.82 33.14
C THR A 142 3.82 -21.13 33.57
N SER A 143 4.73 -20.20 33.29
CA SER A 143 6.09 -20.27 33.82
C SER A 143 6.71 -18.88 33.82
N GLY A 144 7.34 -18.53 34.93
CA GLY A 144 8.03 -17.27 35.04
C GLY A 144 7.18 -16.02 34.89
N GLY A 145 5.98 -16.00 35.45
CA GLY A 145 5.14 -14.80 35.35
C GLY A 145 4.38 -14.64 34.05
N THR A 146 4.54 -15.57 33.11
CA THR A 146 3.82 -15.58 31.85
C THR A 146 2.90 -16.80 31.77
N ALA A 147 1.73 -16.64 31.13
CA ALA A 147 0.79 -17.75 30.99
C ALA A 147 0.41 -17.88 29.53
N ALA A 148 0.18 -19.12 29.11
CA ALA A 148 -0.33 -19.37 27.75
C ALA A 148 -1.80 -19.74 27.78
N LEU A 149 -2.55 -19.27 26.77
CA LEU A 149 -3.93 -19.66 26.58
C LEU A 149 -4.18 -19.72 25.09
N GLY A 150 -5.31 -20.27 24.68
CA GLY A 150 -5.44 -20.47 23.25
C GLY A 150 -6.84 -20.85 22.85
N CYS A 151 -7.01 -21.06 21.56
CA CYS A 151 -8.23 -21.62 20.99
C CYS A 151 -7.87 -22.74 20.03
N LEU A 152 -8.67 -23.78 20.05
CA LEU A 152 -8.53 -24.90 19.14
C LEU A 152 -9.66 -24.80 18.13
N VAL A 153 -9.33 -24.74 16.83
CA VAL A 153 -10.26 -24.50 15.73
C VAL A 153 -10.33 -25.82 14.94
N LYS A 154 -11.41 -26.58 15.11
CA LYS A 154 -11.45 -27.99 14.75
C LYS A 154 -12.44 -28.25 13.61
N ASP A 155 -12.02 -29.08 12.66
CA ASP A 155 -12.88 -29.70 11.66
C ASP A 155 -13.53 -28.71 10.71
N TYR A 156 -12.71 -28.08 9.88
CA TYR A 156 -13.23 -27.14 8.89
C TYR A 156 -12.65 -27.45 7.52
N PHE A 157 -13.31 -26.92 6.50
CA PHE A 157 -12.87 -27.08 5.13
C PHE A 157 -13.55 -26.00 4.27
N PRO A 158 -12.82 -25.35 3.35
CA PRO A 158 -11.38 -25.44 3.03
C PRO A 158 -10.54 -24.49 3.92
N GLU A 159 -9.24 -24.41 3.71
CA GLU A 159 -8.44 -23.30 4.25
C GLU A 159 -8.98 -22.01 3.60
N PRO A 160 -8.78 -20.84 4.22
CA PRO A 160 -8.13 -20.57 5.49
C PRO A 160 -9.15 -20.18 6.55
N VAL A 161 -8.72 -20.07 7.78
CA VAL A 161 -9.46 -19.40 8.84
C VAL A 161 -8.57 -18.26 9.30
N THR A 162 -9.18 -17.19 9.78
CA THR A 162 -8.44 -16.12 10.43
C THR A 162 -8.74 -16.15 11.92
N VAL A 163 -7.70 -16.14 12.76
CA VAL A 163 -7.90 -16.10 14.20
C VAL A 163 -7.35 -14.77 14.70
N SER A 164 -8.22 -13.95 15.31
CA SER A 164 -7.84 -12.74 16.00
C SER A 164 -8.01 -12.93 17.49
N TRP A 165 -7.41 -12.03 18.27
CA TRP A 165 -7.62 -12.03 19.71
C TRP A 165 -8.12 -10.65 20.14
N ASN A 166 -9.15 -10.63 21.01
CA ASN A 166 -9.74 -9.39 21.51
C ASN A 166 -10.04 -8.43 20.36
N SER A 167 -10.67 -9.00 19.33
CA SER A 167 -11.13 -8.27 18.12
C SER A 167 -9.99 -7.54 17.43
N GLY A 168 -8.79 -8.09 17.55
CA GLY A 168 -7.60 -7.54 16.92
C GLY A 168 -6.74 -6.65 17.82
N ALA A 169 -7.22 -6.31 19.01
CA ALA A 169 -6.47 -5.42 19.90
C ALA A 169 -5.25 -6.12 20.50
N LEU A 170 -5.25 -7.45 20.56
CA LEU A 170 -4.15 -8.23 21.12
C LEU A 170 -3.41 -8.90 19.96
N THR A 171 -2.14 -8.52 19.76
CA THR A 171 -1.30 -9.05 18.68
C THR A 171 0.03 -9.59 19.18
N SER A 172 0.66 -8.99 20.19
CA SER A 172 1.93 -9.51 20.66
C SER A 172 1.79 -10.86 21.36
N GLY A 173 2.74 -11.75 21.13
CA GLY A 173 2.77 -13.02 21.82
C GLY A 173 1.87 -14.06 21.23
N VAL A 174 1.27 -13.79 20.06
CA VAL A 174 0.35 -14.74 19.40
C VAL A 174 1.13 -15.69 18.48
N HIS A 175 0.83 -16.99 18.55
CA HIS A 175 1.33 -17.97 17.59
C HIS A 175 0.11 -18.71 17.06
N THR A 176 -0.21 -18.51 15.78
CA THR A 176 -1.25 -19.30 15.13
C THR A 176 -0.54 -20.36 14.30
N PHE A 177 -0.81 -21.62 14.61
CA PHE A 177 -0.05 -22.70 14.02
C PHE A 177 -0.61 -23.07 12.66
N PRO A 178 0.21 -23.67 11.79
CA PRO A 178 -0.32 -24.21 10.53
C PRO A 178 -1.38 -25.27 10.81
N ALA A 179 -2.43 -25.25 10.02
CA ALA A 179 -3.45 -26.28 10.13
C ALA A 179 -2.88 -27.67 9.81
N VAL A 180 -3.43 -28.69 10.47
CA VAL A 180 -3.14 -30.09 10.14
C VAL A 180 -4.37 -30.67 9.43
N LEU A 181 -4.11 -31.56 8.48
CA LEU A 181 -5.19 -32.23 7.75
C LEU A 181 -5.46 -33.58 8.43
N GLN A 182 -6.63 -33.69 9.05
CA GLN A 182 -7.08 -34.94 9.65
C GLN A 182 -7.45 -35.97 8.58
N SER A 183 -7.47 -37.25 8.99
CA SER A 183 -7.89 -38.32 8.07
C SER A 183 -9.35 -38.17 7.62
N SER A 184 -10.15 -37.39 8.34
CA SER A 184 -11.49 -37.06 7.90
C SER A 184 -11.53 -36.14 6.69
N GLY A 185 -10.40 -35.57 6.27
CA GLY A 185 -10.37 -34.59 5.21
C GLY A 185 -10.67 -33.17 5.67
N LEU A 186 -10.83 -32.95 6.96
CA LEU A 186 -11.03 -31.62 7.53
C LEU A 186 -9.75 -31.16 8.21
N TYR A 187 -9.62 -29.84 8.33
CA TYR A 187 -8.45 -29.19 8.91
C TYR A 187 -8.72 -28.90 10.38
N SER A 188 -7.64 -28.86 11.18
CA SER A 188 -7.71 -28.28 12.51
C SER A 188 -6.50 -27.41 12.75
N LEU A 189 -6.67 -26.34 13.54
CA LEU A 189 -5.48 -25.58 13.95
C LEU A 189 -5.67 -25.08 15.36
N SER A 190 -4.56 -24.66 15.98
CA SER A 190 -4.63 -23.96 17.25
C SER A 190 -3.97 -22.60 17.12
N SER A 191 -4.45 -21.67 17.92
CA SER A 191 -3.85 -20.34 18.10
C SER A 191 -3.65 -20.13 19.58
N VAL A 192 -2.41 -19.79 19.97
CA VAL A 192 -2.12 -19.59 21.38
C VAL A 192 -1.55 -18.19 21.54
N VAL A 193 -1.66 -17.65 22.74
CA VAL A 193 -1.08 -16.36 23.03
C VAL A 193 -0.47 -16.43 24.42
N THR A 194 0.67 -15.78 24.58
CA THR A 194 1.28 -15.76 25.90
C THR A 194 1.14 -14.35 26.45
N VAL A 195 0.68 -14.25 27.70
CA VAL A 195 0.33 -12.98 28.31
C VAL A 195 0.95 -12.95 29.71
N PRO A 196 1.08 -11.78 30.31
CA PRO A 196 1.48 -11.78 31.73
C PRO A 196 0.43 -12.48 32.56
N SER A 197 0.91 -13.31 33.48
CA SER A 197 0.00 -13.99 34.41
C SER A 197 -0.92 -13.02 35.13
N SER A 198 -0.40 -11.84 35.50
CA SER A 198 -1.26 -10.89 36.22
C SER A 198 -2.41 -10.43 35.36
N SER A 199 -2.25 -10.41 34.02
CA SER A 199 -3.37 -9.91 33.25
C SER A 199 -4.53 -10.88 33.23
N LEU A 200 -4.33 -12.13 33.63
CA LEU A 200 -5.48 -13.03 33.68
C LEU A 200 -6.43 -12.68 34.82
N GLY A 201 -5.96 -11.93 35.85
CA GLY A 201 -6.89 -11.44 36.84
C GLY A 201 -7.60 -10.18 36.47
N THR A 202 -7.23 -9.61 35.35
CA THR A 202 -7.88 -8.46 34.81
C THR A 202 -8.17 -9.01 33.40
N GLN A 203 -8.65 -8.22 32.46
CA GLN A 203 -8.81 -8.76 31.10
C GLN A 203 -9.71 -10.00 30.92
N THR A 204 -10.57 -9.89 29.92
CA THR A 204 -11.19 -11.04 29.30
C THR A 204 -10.41 -11.34 28.02
N TYR A 205 -10.09 -12.61 27.79
CA TYR A 205 -9.47 -12.97 26.52
C TYR A 205 -10.51 -13.66 25.68
N ILE A 206 -10.69 -13.18 24.44
CA ILE A 206 -11.66 -13.78 23.51
C ILE A 206 -10.95 -14.07 22.19
N CYS A 207 -11.12 -15.27 21.66
CA CYS A 207 -10.58 -15.53 20.33
C CYS A 207 -11.72 -15.40 19.32
N ASN A 208 -11.43 -14.69 18.23
CA ASN A 208 -12.40 -14.38 17.17
C ASN A 208 -11.99 -15.20 15.94
N VAL A 209 -12.81 -16.15 15.56
CA VAL A 209 -12.50 -17.06 14.48
C VAL A 209 -13.43 -16.76 13.32
N ASN A 210 -12.84 -16.53 12.14
CA ASN A 210 -13.60 -16.26 10.92
C ASN A 210 -13.25 -17.30 9.88
N HIS A 211 -14.27 -18.01 9.38
CA HIS A 211 -14.06 -18.98 8.33
C HIS A 211 -14.92 -18.47 7.18
N LYS A 212 -14.34 -17.57 6.37
CA LYS A 212 -15.15 -16.96 5.32
C LYS A 212 -15.76 -17.95 4.35
N PRO A 213 -15.11 -19.07 3.94
CA PRO A 213 -15.76 -19.96 2.97
C PRO A 213 -17.11 -20.47 3.42
N SER A 214 -17.33 -20.64 4.73
CA SER A 214 -18.61 -21.13 5.21
C SER A 214 -19.43 -20.04 5.87
N ASN A 215 -19.00 -18.78 5.76
CA ASN A 215 -19.64 -17.67 6.46
C ASN A 215 -19.83 -17.94 7.96
N THR A 216 -18.83 -18.58 8.57
CA THR A 216 -18.83 -18.94 9.98
C THR A 216 -17.95 -17.96 10.75
N LYS A 217 -18.52 -17.29 11.74
CA LYS A 217 -17.76 -16.48 12.68
C LYS A 217 -18.11 -16.93 14.10
N VAL A 218 -17.08 -17.16 14.90
CA VAL A 218 -17.27 -17.62 16.29
C VAL A 218 -16.34 -16.82 17.19
N ASP A 219 -16.88 -16.34 18.32
CA ASP A 219 -16.11 -15.68 19.37
C ASP A 219 -16.16 -16.52 20.64
N LYS A 220 -15.00 -16.98 21.11
CA LYS A 220 -14.95 -17.88 22.26
C LYS A 220 -14.16 -17.22 23.38
N LYS A 221 -14.80 -17.01 24.54
CA LYS A 221 -14.08 -16.53 25.72
C LYS A 221 -13.21 -17.65 26.26
N VAL A 222 -12.00 -17.30 26.68
CA VAL A 222 -11.03 -18.27 27.15
C VAL A 222 -10.73 -17.95 28.61
N GLU A 223 -11.31 -18.72 29.50
CA GLU A 223 -11.20 -18.45 30.92
C GLU A 223 -10.27 -19.45 31.62
N PRO A 224 -9.56 -19.02 32.67
CA PRO A 224 -8.70 -19.95 33.41
C PRO A 224 -9.51 -21.08 34.06
N LYS A 225 -8.84 -22.24 34.23
CA LYS A 225 -9.44 -23.49 34.77
C LYS A 225 -8.49 -24.16 35.80
N ASP B 1 12.66 -23.94 -22.89
CA ASP B 1 12.41 -23.26 -21.62
C ASP B 1 13.68 -23.25 -20.79
N ILE B 2 14.03 -22.10 -20.22
CA ILE B 2 15.21 -22.00 -19.36
C ILE B 2 14.86 -22.51 -17.97
N VAL B 3 15.56 -23.54 -17.51
CA VAL B 3 15.30 -24.12 -16.21
C VAL B 3 16.26 -23.48 -15.21
N MET B 4 15.73 -23.06 -14.07
CA MET B 4 16.50 -22.44 -13.01
C MET B 4 16.60 -23.41 -11.83
N THR B 5 17.82 -23.66 -11.35
CA THR B 5 18.05 -24.63 -10.28
C THR B 5 18.79 -23.95 -9.13
N GLN B 6 18.21 -23.97 -7.93
CA GLN B 6 18.86 -23.34 -6.78
C GLN B 6 19.45 -24.36 -5.82
N SER B 7 20.53 -23.93 -5.15
CA SER B 7 21.21 -24.68 -4.10
C SER B 7 21.79 -23.71 -3.09
N PRO B 8 21.81 -24.10 -1.81
CA PRO B 8 21.23 -25.35 -1.31
C PRO B 8 19.73 -25.17 -1.16
N ASP B 9 18.99 -26.20 -0.74
CA ASP B 9 17.58 -26.00 -0.48
C ASP B 9 17.32 -25.20 0.78
N SER B 10 18.24 -25.25 1.74
CA SER B 10 18.11 -24.52 2.98
C SER B 10 19.51 -24.25 3.50
N LEU B 11 19.65 -23.11 4.17
CA LEU B 11 20.94 -22.68 4.70
C LEU B 11 20.69 -22.03 6.06
N ALA B 12 21.46 -22.42 7.07
CA ALA B 12 21.36 -21.82 8.39
C ALA B 12 22.68 -21.13 8.72
N VAL B 13 22.61 -19.86 9.08
CA VAL B 13 23.79 -19.01 9.27
C VAL B 13 23.57 -18.21 10.56
N SER B 14 24.64 -18.02 11.35
CA SER B 14 24.52 -17.20 12.55
C SER B 14 24.26 -15.75 12.20
N LEU B 15 23.56 -15.05 13.10
CA LEU B 15 23.33 -13.62 12.99
C LEU B 15 24.65 -12.87 12.77
N GLY B 16 24.65 -11.97 11.79
CA GLY B 16 25.81 -11.21 11.41
C GLY B 16 26.81 -11.94 10.54
N GLU B 17 26.56 -13.19 10.19
CA GLU B 17 27.51 -13.90 9.35
C GLU B 17 27.04 -13.83 7.90
N ARG B 18 27.92 -14.25 6.98
CA ARG B 18 27.61 -14.21 5.55
C ARG B 18 26.80 -15.42 5.15
N ALA B 19 25.80 -15.16 4.33
CA ALA B 19 24.95 -16.19 3.73
C ALA B 19 25.04 -16.03 2.22
N THR B 20 25.38 -17.13 1.51
CA THR B 20 25.43 -17.11 0.06
C THR B 20 24.55 -18.23 -0.49
N ILE B 21 23.78 -17.91 -1.54
CA ILE B 21 22.83 -18.83 -2.20
C ILE B 21 23.19 -18.90 -3.68
N ASN B 22 23.05 -20.08 -4.29
CA ASN B 22 23.46 -20.25 -5.69
C ASN B 22 22.25 -20.46 -6.61
N CYS B 23 22.40 -19.98 -7.83
CA CYS B 23 21.40 -20.13 -8.89
C CYS B 23 22.13 -20.41 -10.20
N LYS B 24 21.74 -21.48 -10.90
CA LYS B 24 22.28 -21.81 -12.21
C LYS B 24 21.15 -21.85 -13.23
N SER B 25 21.40 -21.29 -14.42
CA SER B 25 20.45 -21.35 -15.52
C SER B 25 20.87 -22.42 -16.52
N SER B 26 19.88 -23.03 -17.18
CA SER B 26 20.23 -24.09 -18.13
C SER B 26 20.86 -23.53 -19.41
N GLN B 27 20.79 -22.21 -19.64
CA GLN B 27 21.53 -21.56 -20.72
C GLN B 27 21.82 -20.11 -20.32
N SER B 28 22.77 -19.50 -21.01
CA SER B 28 23.23 -18.18 -20.61
C SER B 28 22.11 -17.14 -20.71
N VAL B 29 22.09 -16.22 -19.75
CA VAL B 29 21.19 -15.09 -19.73
C VAL B 29 21.94 -13.78 -19.86
N LEU B 30 23.17 -13.84 -20.37
CA LEU B 30 23.95 -12.66 -20.68
C LEU B 30 23.67 -12.24 -22.12
N TYR B 31 23.21 -11.01 -22.31
CA TYR B 31 22.99 -10.44 -23.65
C TYR B 31 24.24 -9.72 -24.12
N SER B 32 24.78 -10.11 -25.28
CA SER B 32 26.03 -9.53 -25.76
C SER B 32 25.86 -8.10 -26.29
N SER B 33 24.65 -7.72 -26.72
CA SER B 33 24.46 -6.38 -27.27
C SER B 33 24.75 -5.33 -26.20
N ASN B 34 23.94 -5.31 -25.13
CA ASN B 34 24.38 -4.66 -23.92
C ASN B 34 25.33 -5.64 -23.25
N ASN B 35 25.62 -5.47 -21.98
CA ASN B 35 26.42 -6.50 -21.34
C ASN B 35 25.73 -6.88 -20.06
N LYS B 36 24.44 -7.21 -20.18
CA LYS B 36 23.55 -7.38 -19.04
C LYS B 36 23.10 -8.83 -18.93
N ASN B 37 23.03 -9.33 -17.69
CA ASN B 37 22.48 -10.65 -17.37
C ASN B 37 21.01 -10.50 -16.97
N TYR B 38 20.13 -11.28 -17.61
CA TYR B 38 18.68 -11.12 -17.42
C TYR B 38 18.17 -12.03 -16.29
N LEU B 39 18.54 -11.64 -15.07
CA LEU B 39 18.42 -12.47 -13.88
C LEU B 39 18.04 -11.58 -12.70
N ALA B 40 17.06 -12.04 -11.91
CA ALA B 40 16.57 -11.29 -10.76
C ALA B 40 16.49 -12.21 -9.56
N TRP B 41 16.54 -11.59 -8.38
CA TRP B 41 16.40 -12.28 -7.11
C TRP B 41 15.25 -11.69 -6.30
N TYR B 42 14.47 -12.57 -5.64
CA TYR B 42 13.34 -12.18 -4.82
C TYR B 42 13.43 -12.78 -3.42
N GLN B 43 12.83 -12.08 -2.47
CA GLN B 43 12.74 -12.56 -1.09
C GLN B 43 11.27 -12.76 -0.76
N GLN B 44 10.89 -13.92 -0.19
CA GLN B 44 9.49 -14.15 0.17
C GLN B 44 9.40 -14.57 1.62
N LYS B 45 8.72 -13.78 2.43
CA LYS B 45 8.43 -14.08 3.82
C LYS B 45 7.05 -14.71 3.96
N PRO B 46 6.79 -15.44 5.05
CA PRO B 46 5.51 -16.16 5.17
C PRO B 46 4.30 -15.25 5.04
N GLY B 47 3.33 -15.68 4.27
CA GLY B 47 2.09 -14.91 4.12
C GLY B 47 2.18 -13.67 3.26
N GLN B 48 3.30 -13.43 2.59
CA GLN B 48 3.51 -12.25 1.78
C GLN B 48 3.86 -12.65 0.35
N PRO B 49 3.64 -11.77 -0.64
CA PRO B 49 4.21 -12.00 -1.95
C PRO B 49 5.73 -11.88 -1.95
N PRO B 50 6.38 -12.43 -2.97
CA PRO B 50 7.81 -12.19 -3.16
C PRO B 50 8.08 -10.71 -3.32
N LYS B 51 9.29 -10.30 -2.89
CA LYS B 51 9.74 -8.91 -2.95
C LYS B 51 10.99 -8.85 -3.81
N LEU B 52 11.03 -7.94 -4.77
CA LEU B 52 12.20 -7.84 -5.65
C LEU B 52 13.39 -7.26 -4.90
N LEU B 53 14.53 -7.97 -4.95
CA LEU B 53 15.77 -7.50 -4.34
C LEU B 53 16.79 -7.00 -5.33
N ILE B 54 17.08 -7.79 -6.37
CA ILE B 54 18.20 -7.56 -7.27
C ILE B 54 17.70 -7.82 -8.68
N TYR B 55 18.12 -7.00 -9.63
CA TYR B 55 17.86 -7.28 -11.04
C TYR B 55 19.13 -7.00 -11.83
N TRP B 56 19.15 -7.39 -13.12
CA TRP B 56 20.39 -7.39 -13.91
C TRP B 56 21.53 -8.09 -13.18
N ALA B 57 21.19 -9.16 -12.43
CA ALA B 57 22.13 -9.98 -11.66
C ALA B 57 22.80 -9.23 -10.50
N SER B 58 23.06 -7.93 -10.64
CA SER B 58 23.78 -7.24 -9.57
C SER B 58 23.22 -5.90 -9.16
N THR B 59 22.15 -5.39 -9.78
CA THR B 59 21.63 -4.09 -9.39
C THR B 59 20.63 -4.26 -8.27
N ARG B 60 20.86 -3.55 -7.17
CA ARG B 60 19.95 -3.57 -6.05
C ARG B 60 18.72 -2.71 -6.32
N GLU B 61 17.54 -3.25 -5.99
CA GLU B 61 16.32 -2.47 -6.07
C GLU B 61 16.35 -1.31 -5.08
N SER B 62 15.73 -0.20 -5.48
CA SER B 62 15.64 0.95 -4.59
C SER B 62 15.01 0.55 -3.25
N GLY B 63 15.63 0.97 -2.16
CA GLY B 63 15.13 0.67 -0.84
C GLY B 63 15.62 -0.63 -0.23
N VAL B 64 16.31 -1.47 -0.98
CA VAL B 64 16.80 -2.75 -0.44
C VAL B 64 18.08 -2.48 0.34
N PRO B 65 18.22 -3.01 1.57
CA PRO B 65 19.44 -2.74 2.34
C PRO B 65 20.73 -3.13 1.61
N ASP B 66 21.81 -2.42 1.96
CA ASP B 66 23.13 -2.64 1.36
C ASP B 66 23.66 -4.06 1.56
N ARG B 67 23.19 -4.76 2.59
CA ARG B 67 23.79 -6.07 2.82
C ARG B 67 23.41 -7.10 1.76
N PHE B 68 22.40 -6.82 0.92
CA PHE B 68 22.04 -7.72 -0.17
C PHE B 68 22.85 -7.37 -1.42
N SER B 69 23.52 -8.36 -2.00
CA SER B 69 24.25 -8.12 -3.23
C SER B 69 24.15 -9.36 -4.11
N GLY B 70 24.28 -9.16 -5.41
CA GLY B 70 24.28 -10.24 -6.34
C GLY B 70 25.49 -10.16 -7.25
N SER B 71 25.92 -11.32 -7.72
CA SER B 71 27.04 -11.44 -8.61
C SER B 71 26.87 -12.67 -9.51
N GLY B 72 27.84 -12.85 -10.41
CA GLY B 72 27.81 -13.97 -11.34
C GLY B 72 27.43 -13.53 -12.74
N SER B 73 27.52 -14.48 -13.66
CA SER B 73 27.33 -14.16 -15.08
C SER B 73 27.10 -15.42 -15.90
N GLY B 74 26.32 -15.28 -16.97
CA GLY B 74 26.21 -16.38 -17.89
C GLY B 74 25.23 -17.43 -17.40
N THR B 75 25.76 -18.47 -16.76
CA THR B 75 24.96 -19.59 -16.32
C THR B 75 24.94 -19.78 -14.81
N ASP B 76 25.78 -19.10 -14.05
CA ASP B 76 25.83 -19.40 -12.62
C ASP B 76 25.89 -18.09 -11.84
N PHE B 77 25.03 -17.96 -10.83
CA PHE B 77 24.81 -16.73 -10.11
C PHE B 77 24.74 -17.03 -8.62
N THR B 78 25.04 -16.02 -7.83
CA THR B 78 24.87 -16.11 -6.38
C THR B 78 24.22 -14.84 -5.84
N LEU B 79 23.44 -14.99 -4.78
CA LEU B 79 22.96 -13.88 -3.95
C LEU B 79 23.72 -13.94 -2.62
N THR B 80 24.23 -12.80 -2.15
CA THR B 80 24.93 -12.73 -0.87
C THR B 80 24.22 -11.79 0.09
N ILE B 81 24.02 -12.24 1.32
CA ILE B 81 23.62 -11.39 2.43
C ILE B 81 24.85 -11.27 3.31
N SER B 82 25.49 -10.09 3.31
CA SER B 82 26.81 -9.98 3.88
C SER B 82 26.80 -10.07 5.39
N SER B 83 25.66 -9.75 6.01
CA SER B 83 25.53 -9.80 7.47
C SER B 83 24.08 -10.14 7.75
N LEU B 84 23.80 -11.43 7.98
CA LEU B 84 22.43 -11.90 8.07
C LEU B 84 21.77 -11.36 9.33
N GLN B 85 20.60 -10.77 9.17
CA GLN B 85 19.80 -10.25 10.25
C GLN B 85 18.62 -11.18 10.51
N ALA B 86 18.06 -11.12 11.73
CA ALA B 86 17.01 -12.04 12.11
C ALA B 86 15.82 -11.93 11.17
N GLU B 87 15.52 -10.71 10.71
CA GLU B 87 14.40 -10.49 9.81
C GLU B 87 14.64 -11.02 8.42
N ASP B 88 15.84 -11.45 8.09
CA ASP B 88 16.07 -11.88 6.72
C ASP B 88 15.63 -13.32 6.49
N VAL B 89 15.09 -13.98 7.51
CA VAL B 89 14.66 -15.37 7.31
C VAL B 89 13.51 -15.34 6.32
N ALA B 90 13.64 -16.12 5.26
CA ALA B 90 12.77 -16.01 4.11
C ALA B 90 13.15 -17.11 3.15
N VAL B 91 12.33 -17.32 2.13
CA VAL B 91 12.73 -18.14 1.00
C VAL B 91 13.14 -17.17 -0.10
N TYR B 92 14.30 -17.42 -0.72
CA TYR B 92 14.83 -16.58 -1.78
C TYR B 92 14.74 -17.33 -3.09
N TYR B 93 14.27 -16.63 -4.13
CA TYR B 93 14.06 -17.18 -5.46
C TYR B 93 14.88 -16.40 -6.48
N CYS B 94 15.52 -17.08 -7.42
CA CYS B 94 16.02 -16.41 -8.60
C CYS B 94 15.00 -16.55 -9.73
N GLN B 95 15.15 -15.70 -10.76
CA GLN B 95 14.22 -15.70 -11.87
C GLN B 95 14.97 -15.24 -13.10
N GLN B 96 14.75 -15.91 -14.25
CA GLN B 96 15.32 -15.41 -15.50
C GLN B 96 14.21 -14.73 -16.28
N TYR B 97 14.56 -13.64 -16.94
CA TYR B 97 13.66 -12.93 -17.86
C TYR B 97 14.35 -12.71 -19.20
N TYR B 98 15.24 -13.65 -19.57
CA TYR B 98 16.01 -13.57 -20.81
C TYR B 98 15.22 -14.11 -22.00
N ARG B 99 14.54 -15.23 -21.78
CA ARG B 99 13.72 -15.94 -22.77
C ARG B 99 12.30 -15.87 -22.24
N THR B 100 11.52 -14.89 -22.70
CA THR B 100 10.14 -14.77 -22.24
C THR B 100 9.38 -15.89 -22.95
N PRO B 101 8.05 -15.84 -22.99
CA PRO B 101 7.31 -17.05 -22.56
C PRO B 101 8.08 -18.35 -22.54
N PRO B 102 8.18 -18.98 -21.36
CA PRO B 102 7.75 -18.49 -20.06
C PRO B 102 8.90 -17.98 -19.21
N LEU B 103 8.65 -16.91 -18.48
CA LEU B 103 9.58 -16.57 -17.40
C LEU B 103 9.59 -17.72 -16.40
N THR B 104 10.77 -18.01 -15.82
CA THR B 104 10.86 -19.16 -14.95
C THR B 104 11.64 -18.80 -13.68
N PHE B 105 11.24 -19.45 -12.59
CA PHE B 105 11.84 -19.25 -11.27
C PHE B 105 12.61 -20.49 -10.84
N GLY B 106 13.63 -20.27 -10.03
CA GLY B 106 14.23 -21.39 -9.32
C GLY B 106 13.28 -21.92 -8.27
N GLY B 107 13.69 -23.05 -7.67
CA GLY B 107 12.85 -23.69 -6.69
C GLY B 107 12.91 -23.06 -5.30
N GLY B 108 13.78 -22.10 -5.09
CA GLY B 108 13.85 -21.44 -3.78
C GLY B 108 14.89 -22.03 -2.85
N THR B 109 15.45 -21.17 -2.02
CA THR B 109 16.36 -21.57 -0.94
C THR B 109 15.83 -20.96 0.37
N LYS B 110 15.59 -21.79 1.39
CA LYS B 110 15.15 -21.26 2.68
C LYS B 110 16.37 -20.82 3.49
N VAL B 111 16.39 -19.57 3.90
CA VAL B 111 17.48 -19.04 4.72
C VAL B 111 16.96 -18.94 6.13
N GLU B 112 17.70 -19.52 7.08
CA GLU B 112 17.33 -19.60 8.48
C GLU B 112 18.48 -19.04 9.30
N ILE B 113 18.17 -18.67 10.53
CA ILE B 113 19.16 -18.22 11.49
C ILE B 113 19.59 -19.44 12.29
N LYS B 114 20.90 -19.55 12.50
CA LYS B 114 21.45 -20.49 13.44
C LYS B 114 21.75 -19.71 14.71
N ARG B 115 21.28 -20.23 15.83
CA ARG B 115 21.43 -19.54 17.09
C ARG B 115 21.73 -20.57 18.15
N THR B 116 21.86 -20.10 19.38
CA THR B 116 22.17 -21.06 20.42
C THR B 116 20.95 -21.91 20.71
N VAL B 117 21.22 -23.08 21.30
CA VAL B 117 20.17 -24.02 21.65
C VAL B 117 19.27 -23.40 22.72
N ALA B 118 17.96 -23.53 22.53
CA ALA B 118 17.01 -23.01 23.49
C ALA B 118 15.99 -24.11 23.76
N ALA B 119 15.84 -24.47 25.02
CA ALA B 119 14.88 -25.53 25.36
C ALA B 119 13.47 -24.98 25.31
N PRO B 120 12.47 -25.80 25.01
CA PRO B 120 11.10 -25.29 25.00
C PRO B 120 10.54 -25.16 26.40
N SER B 121 9.64 -24.19 26.56
CA SER B 121 8.69 -24.20 27.68
C SER B 121 7.56 -25.12 27.27
N VAL B 122 7.16 -26.02 28.15
CA VAL B 122 6.17 -27.03 27.81
C VAL B 122 4.90 -26.77 28.61
N PHE B 123 3.77 -26.60 27.93
CA PHE B 123 2.49 -26.44 28.60
C PHE B 123 1.48 -27.45 28.06
N ILE B 124 0.48 -27.74 28.88
CA ILE B 124 -0.54 -28.72 28.48
C ILE B 124 -1.91 -28.13 28.76
N PHE B 125 -2.90 -28.47 27.90
CA PHE B 125 -4.27 -27.96 27.97
C PHE B 125 -5.23 -29.14 27.93
N PRO B 126 -6.15 -29.23 28.87
CA PRO B 126 -7.12 -30.32 28.87
C PRO B 126 -8.23 -30.04 27.86
N PRO B 127 -9.03 -31.03 27.50
CA PRO B 127 -10.20 -30.75 26.65
C PRO B 127 -11.22 -29.90 27.39
N SER B 128 -11.97 -29.11 26.62
CA SER B 128 -13.05 -28.30 27.17
C SER B 128 -14.29 -29.15 27.44
N ASP B 129 -15.06 -28.75 28.44
CA ASP B 129 -16.33 -29.43 28.66
C ASP B 129 -17.23 -29.34 27.44
N GLU B 130 -17.11 -28.23 26.68
CA GLU B 130 -17.94 -28.06 25.50
C GLU B 130 -17.63 -29.10 24.43
N GLN B 131 -16.33 -29.43 24.26
CA GLN B 131 -15.99 -30.45 23.29
C GLN B 131 -16.41 -31.82 23.79
N LEU B 132 -16.28 -32.05 25.10
CA LEU B 132 -16.63 -33.36 25.63
C LEU B 132 -18.10 -33.68 25.36
N LYS B 133 -18.96 -32.66 25.37
CA LYS B 133 -20.37 -32.90 25.10
C LYS B 133 -20.59 -33.41 23.68
N SER B 134 -19.61 -33.25 22.79
CA SER B 134 -19.77 -33.67 21.39
C SER B 134 -19.24 -35.06 21.08
N GLY B 135 -18.63 -35.77 22.03
CA GLY B 135 -18.17 -37.12 21.76
C GLY B 135 -16.68 -37.28 21.58
N THR B 136 -15.93 -36.18 21.53
CA THR B 136 -14.49 -36.22 21.31
C THR B 136 -13.76 -35.39 22.36
N ALA B 137 -12.50 -35.73 22.59
CA ALA B 137 -11.65 -35.02 23.54
C ALA B 137 -10.29 -34.77 22.89
N SER B 138 -9.90 -33.50 22.74
CA SER B 138 -8.58 -33.12 22.25
C SER B 138 -7.76 -32.59 23.41
N VAL B 139 -6.57 -33.14 23.59
CA VAL B 139 -5.63 -32.66 24.59
C VAL B 139 -4.46 -32.02 23.85
N VAL B 140 -4.01 -30.85 24.29
CA VAL B 140 -3.06 -30.11 23.47
C VAL B 140 -1.81 -29.89 24.30
N CYS B 141 -0.66 -30.14 23.67
CA CYS B 141 0.63 -29.88 24.30
C CYS B 141 1.31 -28.78 23.51
N LEU B 142 1.88 -27.80 24.21
CA LEU B 142 2.52 -26.67 23.53
C LEU B 142 3.99 -26.63 23.91
N LEU B 143 4.88 -26.55 22.91
CA LEU B 143 6.29 -26.32 23.14
C LEU B 143 6.60 -24.91 22.64
N ASN B 144 7.01 -24.01 23.52
CA ASN B 144 7.09 -22.62 23.12
C ASN B 144 8.55 -22.14 23.06
N ASN B 145 8.90 -21.47 21.96
CA ASN B 145 10.12 -20.67 21.81
C ASN B 145 11.40 -21.49 22.02
N PHE B 146 11.65 -22.43 21.11
CA PHE B 146 12.79 -23.33 21.25
C PHE B 146 13.64 -23.30 19.98
N TYR B 147 14.89 -23.78 20.11
CA TYR B 147 15.74 -23.91 18.93
C TYR B 147 16.70 -25.04 19.19
N PRO B 148 17.01 -25.88 18.18
CA PRO B 148 16.56 -26.00 16.81
C PRO B 148 15.16 -26.55 16.72
N ARG B 149 14.68 -26.63 15.48
CA ARG B 149 13.30 -27.00 15.18
C ARG B 149 12.98 -28.43 15.61
N GLU B 150 13.96 -29.34 15.60
CA GLU B 150 13.69 -30.75 15.86
C GLU B 150 13.30 -30.97 17.32
N ALA B 151 12.19 -31.69 17.53
CA ALA B 151 11.68 -31.97 18.88
C ALA B 151 10.86 -33.24 18.82
N LYS B 152 10.87 -34.02 19.89
CA LYS B 152 10.06 -35.23 19.91
C LYS B 152 9.01 -35.09 21.00
N VAL B 153 7.75 -35.33 20.66
CA VAL B 153 6.66 -35.29 21.61
C VAL B 153 6.04 -36.67 21.69
N GLN B 154 5.91 -37.20 22.89
CA GLN B 154 5.28 -38.49 23.11
C GLN B 154 4.13 -38.27 24.08
N TRP B 155 2.98 -38.83 23.75
CA TRP B 155 1.83 -38.79 24.61
C TRP B 155 1.72 -40.07 25.43
N LYS B 156 1.36 -39.93 26.70
CA LYS B 156 1.11 -41.10 27.55
C LYS B 156 -0.22 -40.91 28.24
N VAL B 157 -1.00 -41.98 28.29
CA VAL B 157 -2.29 -41.98 28.96
C VAL B 157 -2.24 -43.08 30.01
N ASP B 158 -2.34 -42.69 31.28
CA ASP B 158 -2.08 -43.58 32.42
C ASP B 158 -0.76 -44.31 32.27
N ASN B 159 0.26 -43.54 31.87
CA ASN B 159 1.63 -43.95 31.65
C ASN B 159 1.80 -44.88 30.45
N ALA B 160 0.77 -45.07 29.62
CA ALA B 160 0.87 -45.96 28.48
C ALA B 160 1.15 -45.14 27.23
N LEU B 161 2.21 -45.49 26.52
CA LEU B 161 2.63 -44.70 25.36
C LEU B 161 1.61 -44.81 24.24
N GLN B 162 1.28 -43.68 23.64
CA GLN B 162 0.32 -43.59 22.56
C GLN B 162 1.02 -43.50 21.22
N SER B 163 0.33 -43.94 20.17
CA SER B 163 0.78 -43.76 18.79
C SER B 163 -0.44 -43.70 17.90
N GLY B 164 -0.32 -42.91 16.82
CA GLY B 164 -1.36 -42.90 15.80
C GLY B 164 -2.54 -42.00 16.07
N ASN B 165 -2.61 -41.38 17.24
CA ASN B 165 -3.74 -40.53 17.61
C ASN B 165 -3.30 -39.10 17.93
N SER B 166 -2.16 -38.64 17.39
CA SER B 166 -1.77 -37.24 17.58
C SER B 166 -1.26 -36.62 16.29
N GLN B 167 -1.40 -35.31 16.18
CA GLN B 167 -0.84 -34.57 15.07
C GLN B 167 -0.17 -33.33 15.61
N GLU B 168 0.83 -32.85 14.88
CA GLU B 168 1.51 -31.65 15.34
C GLU B 168 1.86 -30.74 14.17
N SER B 169 2.09 -29.46 14.49
CA SER B 169 2.61 -28.55 13.50
C SER B 169 3.51 -27.53 14.19
N VAL B 170 4.36 -26.93 13.39
CA VAL B 170 5.45 -26.08 13.88
C VAL B 170 5.38 -24.75 13.16
N THR B 171 5.66 -23.67 13.90
CA THR B 171 5.68 -22.34 13.28
C THR B 171 6.93 -22.17 12.41
N GLU B 172 6.86 -21.18 11.52
CA GLU B 172 8.05 -20.73 10.82
C GLU B 172 8.97 -20.01 11.82
N GLN B 173 10.25 -19.93 11.47
CA GLN B 173 11.22 -19.32 12.39
C GLN B 173 10.86 -17.87 12.66
N ASP B 174 10.85 -17.53 13.95
CA ASP B 174 10.46 -16.21 14.39
C ASP B 174 11.44 -15.18 13.84
N SER B 175 10.90 -14.12 13.22
CA SER B 175 11.74 -13.09 12.63
C SER B 175 12.45 -12.23 13.68
N LYS B 176 12.11 -12.36 14.97
CA LYS B 176 12.71 -11.55 16.02
C LYS B 176 13.74 -12.33 16.85
N ASP B 177 13.34 -13.46 17.45
CA ASP B 177 14.25 -14.19 18.33
C ASP B 177 14.71 -15.51 17.73
N SER B 178 14.27 -15.84 16.52
CA SER B 178 14.75 -16.95 15.70
C SER B 178 14.42 -18.31 16.30
N THR B 179 13.38 -18.40 17.13
CA THR B 179 12.95 -19.66 17.70
C THR B 179 11.73 -20.20 16.99
N TYR B 180 11.33 -21.40 17.41
CA TYR B 180 10.14 -22.09 16.89
C TYR B 180 9.18 -22.38 18.02
N SER B 181 7.92 -22.65 17.65
CA SER B 181 6.96 -23.18 18.61
C SER B 181 6.25 -24.34 17.96
N LEU B 182 5.77 -25.25 18.77
CA LEU B 182 5.18 -26.47 18.21
C LEU B 182 3.92 -26.79 18.99
N SER B 183 2.87 -27.22 18.28
CA SER B 183 1.63 -27.62 18.93
C SER B 183 1.35 -29.07 18.57
N SER B 184 1.07 -29.91 19.58
CA SER B 184 0.68 -31.30 19.33
C SER B 184 -0.69 -31.58 19.94
N THR B 185 -1.57 -32.23 19.17
CA THR B 185 -2.93 -32.51 19.63
C THR B 185 -3.16 -34.01 19.69
N LEU B 186 -3.54 -34.50 20.88
CA LEU B 186 -3.94 -35.89 21.07
C LEU B 186 -5.46 -35.93 20.98
N THR B 187 -5.99 -36.75 20.08
CA THR B 187 -7.43 -36.83 19.89
C THR B 187 -7.91 -38.21 20.31
N LEU B 188 -8.82 -38.24 21.27
CA LEU B 188 -9.40 -39.47 21.78
C LEU B 188 -10.92 -39.37 21.75
N SER B 189 -11.59 -40.52 21.89
CA SER B 189 -13.03 -40.47 22.13
C SER B 189 -13.33 -39.94 23.53
N LYS B 190 -14.50 -39.30 23.69
CA LYS B 190 -14.95 -38.92 25.02
C LYS B 190 -14.92 -40.12 25.96
N ALA B 191 -15.45 -41.27 25.50
CA ALA B 191 -15.45 -42.46 26.34
C ALA B 191 -14.05 -42.83 26.80
N ASP B 192 -13.08 -42.84 25.88
CA ASP B 192 -11.71 -43.19 26.26
C ASP B 192 -11.15 -42.14 27.23
N TYR B 193 -11.44 -40.87 26.98
CA TYR B 193 -10.93 -39.82 27.87
C TYR B 193 -11.47 -40.00 29.29
N GLU B 194 -12.75 -40.36 29.40
CA GLU B 194 -13.40 -40.52 30.70
C GLU B 194 -12.94 -41.77 31.43
N LYS B 195 -12.32 -42.74 30.73
CA LYS B 195 -11.90 -43.99 31.40
C LYS B 195 -10.47 -43.94 31.91
N HIS B 196 -9.75 -42.85 31.70
CA HIS B 196 -8.38 -42.77 32.19
C HIS B 196 -8.16 -41.48 32.95
N VAL B 198 -4.74 -39.84 34.01
CA VAL B 198 -3.49 -39.08 33.81
C VAL B 198 -3.13 -38.92 32.34
N TYR B 199 -2.96 -37.67 31.92
CA TYR B 199 -2.63 -37.31 30.55
C TYR B 199 -1.31 -36.57 30.58
N ALA B 200 -0.36 -37.05 29.77
CA ALA B 200 1.02 -36.56 29.83
C ALA B 200 1.57 -36.36 28.43
N CYS B 201 2.31 -35.25 28.29
CA CYS B 201 3.11 -34.93 27.11
C CYS B 201 4.57 -35.00 27.54
N GLU B 202 5.36 -35.87 26.91
CA GLU B 202 6.78 -36.02 27.22
C GLU B 202 7.62 -35.49 26.05
N VAL B 203 8.55 -34.57 26.35
CA VAL B 203 9.24 -33.80 25.32
C VAL B 203 10.73 -34.08 25.41
N THR B 204 11.33 -34.43 24.28
CA THR B 204 12.77 -34.62 24.17
C THR B 204 13.31 -33.58 23.19
N HIS B 205 14.39 -32.91 23.58
CA HIS B 205 14.88 -31.81 22.75
C HIS B 205 16.33 -31.58 23.14
N GLN B 206 17.13 -31.14 22.15
CA GLN B 206 18.54 -30.86 22.37
C GLN B 206 18.76 -30.02 23.61
N GLY B 207 17.92 -29.01 23.81
CA GLY B 207 18.18 -28.08 24.91
C GLY B 207 17.92 -28.59 26.31
N LEU B 208 17.51 -29.85 26.45
CA LEU B 208 17.14 -30.46 27.73
C LEU B 208 18.13 -31.57 28.09
N SER B 209 18.48 -31.65 29.37
CA SER B 209 19.39 -32.71 29.79
C SER B 209 18.68 -34.06 29.85
N SER B 210 17.40 -34.08 30.20
CA SER B 210 16.60 -35.28 30.17
C SER B 210 15.19 -34.89 29.71
N PRO B 211 14.39 -35.83 29.24
CA PRO B 211 13.03 -35.52 28.78
C PRO B 211 12.21 -34.78 29.84
N VAL B 212 11.39 -33.82 29.39
CA VAL B 212 10.46 -33.13 30.26
C VAL B 212 9.07 -33.71 30.07
N THR B 213 8.39 -34.05 31.17
CA THR B 213 7.03 -34.54 31.10
C THR B 213 6.13 -33.52 31.76
N LYS B 214 5.06 -33.14 31.06
CA LYS B 214 4.04 -32.21 31.56
C LYS B 214 2.74 -32.98 31.58
N SER B 215 2.02 -32.96 32.71
CA SER B 215 0.87 -33.85 32.80
C SER B 215 -0.21 -33.25 33.68
N PHE B 216 -1.41 -33.83 33.61
CA PHE B 216 -2.48 -33.47 34.53
C PHE B 216 -3.31 -34.71 34.83
N ASN B 217 -4.11 -34.59 35.88
CA ASN B 217 -5.07 -35.61 36.28
C ASN B 217 -6.47 -35.11 35.95
N ARG B 218 -7.17 -35.83 35.08
CA ARG B 218 -8.54 -35.46 34.71
C ARG B 218 -9.42 -35.23 35.94
N GLY B 219 -9.27 -36.08 36.96
CA GLY B 219 -10.03 -35.88 38.19
C GLY B 219 -9.97 -34.45 38.69
N GLU B 220 -8.80 -33.83 38.64
CA GLU B 220 -8.66 -32.44 39.04
C GLU B 220 -8.31 -31.54 37.86
N CYS B 221 -8.75 -31.95 36.66
CA CYS B 221 -8.55 -31.29 35.34
C CYS B 221 -7.16 -30.78 34.96
N GLU C 1 1.82 -5.17 3.76
CA GLU C 1 1.55 -3.73 3.93
C GLU C 1 0.07 -3.49 3.72
N VAL C 2 -0.49 -2.50 4.41
CA VAL C 2 -1.90 -2.19 4.21
C VAL C 2 -2.07 -1.53 2.84
N GLN C 3 -3.13 -1.92 2.14
CA GLN C 3 -3.49 -1.27 0.88
C GLN C 3 -4.95 -0.89 0.95
N LEU C 4 -5.28 0.29 0.41
CA LEU C 4 -6.65 0.76 0.33
C LEU C 4 -6.77 1.39 -1.06
N VAL C 5 -7.48 0.74 -1.98
CA VAL C 5 -7.58 1.22 -3.36
C VAL C 5 -8.98 1.74 -3.58
N GLU C 6 -9.11 3.04 -3.85
CA GLU C 6 -10.42 3.64 -4.05
C GLU C 6 -10.74 3.75 -5.53
N SER C 7 -12.03 3.77 -5.80
CA SER C 7 -12.51 3.95 -7.17
C SER C 7 -13.91 4.51 -7.14
N GLY C 8 -14.38 4.99 -8.31
CA GLY C 8 -15.75 5.44 -8.45
C GLY C 8 -15.90 6.92 -8.67
N GLY C 9 -14.83 7.70 -8.47
CA GLY C 9 -14.95 9.12 -8.61
C GLY C 9 -15.11 9.52 -10.05
N GLY C 10 -15.72 10.68 -10.26
CA GLY C 10 -15.83 11.18 -11.60
C GLY C 10 -16.80 12.33 -11.61
N LEU C 11 -17.23 12.67 -12.82
CA LEU C 11 -18.17 13.75 -13.05
C LEU C 11 -19.61 13.23 -12.86
N VAL C 12 -20.41 13.98 -12.13
CA VAL C 12 -21.78 13.58 -11.87
C VAL C 12 -22.59 14.87 -11.75
N LYS C 13 -23.85 14.78 -12.14
CA LYS C 13 -24.71 15.95 -12.18
C LYS C 13 -25.24 16.33 -10.79
N PRO C 14 -25.52 17.61 -10.59
CA PRO C 14 -26.24 18.01 -9.37
C PRO C 14 -27.54 17.24 -9.28
N GLY C 15 -27.84 16.77 -8.08
CA GLY C 15 -28.94 15.84 -7.88
C GLY C 15 -28.58 14.40 -8.17
N GLY C 16 -27.37 14.12 -8.66
CA GLY C 16 -27.02 12.77 -9.05
C GLY C 16 -26.69 11.81 -7.88
N SER C 17 -26.37 10.57 -8.27
CA SER C 17 -26.21 9.43 -7.36
C SER C 17 -24.93 8.72 -7.78
N LEU C 18 -23.99 8.52 -6.85
CA LEU C 18 -22.68 7.97 -7.19
C LEU C 18 -22.17 7.13 -6.03
N ARG C 19 -21.55 5.99 -6.33
CA ARG C 19 -21.02 5.11 -5.29
C ARG C 19 -19.50 4.99 -5.43
N LEU C 20 -18.79 5.24 -4.33
CA LEU C 20 -17.36 5.05 -4.28
C LEU C 20 -17.04 3.75 -3.58
N SER C 21 -15.93 3.13 -3.98
CA SER C 21 -15.51 1.85 -3.41
C SER C 21 -14.12 2.01 -2.84
N CYS C 22 -13.78 1.16 -1.87
CA CYS C 22 -12.45 1.15 -1.26
C CYS C 22 -12.10 -0.32 -1.04
N ALA C 23 -11.22 -0.86 -1.87
CA ALA C 23 -10.82 -2.28 -1.82
C ALA C 23 -9.59 -2.39 -0.92
N ALA C 24 -9.65 -3.24 0.10
CA ALA C 24 -8.63 -3.30 1.16
C ALA C 24 -7.85 -4.61 1.09
N SER C 25 -6.60 -4.55 1.60
CA SER C 25 -5.82 -5.76 1.85
C SER C 25 -4.82 -5.45 2.96
N GLY C 26 -4.22 -6.50 3.51
CA GLY C 26 -3.07 -6.30 4.37
C GLY C 26 -3.35 -6.13 5.85
N PHE C 27 -4.59 -6.25 6.25
CA PHE C 27 -5.03 -6.21 7.65
C PHE C 27 -6.32 -6.99 7.73
N THR C 28 -6.73 -7.30 8.96
CA THR C 28 -7.97 -8.10 9.12
C THR C 28 -9.18 -7.19 8.94
N PHE C 29 -9.79 -7.28 7.76
CA PHE C 29 -10.86 -6.35 7.42
C PHE C 29 -11.98 -6.44 8.42
N SER C 30 -12.29 -7.66 8.89
CA SER C 30 -13.48 -7.80 9.72
C SER C 30 -13.35 -7.13 11.06
N ASN C 31 -12.12 -6.78 11.51
CA ASN C 31 -11.95 -6.11 12.79
C ASN C 31 -11.87 -4.59 12.65
N ALA C 32 -11.85 -4.06 11.43
CA ALA C 32 -11.55 -2.64 11.25
C ALA C 32 -12.85 -1.83 11.19
N TRP C 33 -12.86 -0.70 11.89
CA TRP C 33 -13.83 0.38 11.71
C TRP C 33 -13.30 1.31 10.62
N PHE C 34 -14.19 1.87 9.82
CA PHE C 34 -13.74 2.72 8.71
C PHE C 34 -14.39 4.08 8.80
N ASN C 35 -13.63 5.10 8.37
CA ASN C 35 -14.13 6.46 8.25
C ASN C 35 -13.90 6.92 6.83
N TRP C 36 -14.82 7.73 6.33
CA TRP C 36 -14.59 8.49 5.10
C TRP C 36 -14.32 9.94 5.49
N VAL C 37 -13.36 10.54 4.80
CA VAL C 37 -12.91 11.94 5.02
C VAL C 37 -12.83 12.56 3.62
N ARG C 38 -13.22 13.82 3.49
CA ARG C 38 -13.16 14.47 2.18
C ARG C 38 -12.41 15.79 2.28
N GLN C 39 -11.97 16.25 1.13
CA GLN C 39 -11.18 17.49 1.03
C GLN C 39 -11.56 18.24 -0.24
N ALA C 40 -12.28 19.36 -0.09
CA ALA C 40 -12.59 20.16 -1.25
C ALA C 40 -11.30 20.74 -1.83
N PRO C 41 -11.26 20.99 -3.13
CA PRO C 41 -10.02 21.50 -3.71
C PRO C 41 -9.47 22.74 -3.00
N GLY C 42 -8.22 22.66 -2.54
CA GLY C 42 -7.58 23.76 -1.84
C GLY C 42 -8.07 24.00 -0.42
N LYS C 43 -8.88 23.13 0.14
CA LYS C 43 -9.43 23.35 1.47
C LYS C 43 -8.92 22.27 2.41
N GLY C 44 -9.49 22.21 3.60
CA GLY C 44 -9.05 21.30 4.63
C GLY C 44 -9.74 19.95 4.59
N LEU C 45 -9.47 19.16 5.62
CA LEU C 45 -9.98 17.80 5.74
C LEU C 45 -11.27 17.82 6.56
N GLU C 46 -12.30 17.09 6.09
CA GLU C 46 -13.59 17.09 6.75
C GLU C 46 -14.08 15.67 6.88
N TRP C 47 -14.36 15.24 8.11
CA TRP C 47 -14.96 13.94 8.34
C TRP C 47 -16.34 13.83 7.68
N VAL C 48 -16.59 12.67 7.07
CA VAL C 48 -17.85 12.39 6.37
C VAL C 48 -18.72 11.38 7.13
N GLY C 49 -18.14 10.27 7.54
CA GLY C 49 -18.96 9.27 8.24
C GLY C 49 -18.08 8.11 8.68
N ARG C 50 -18.67 7.25 9.50
CA ARG C 50 -18.01 6.07 10.08
C ARG C 50 -18.91 4.86 9.98
N ILE C 51 -18.32 3.67 9.79
CA ILE C 51 -19.03 2.42 9.97
C ILE C 51 -18.24 1.50 10.91
N LYS C 52 -18.96 0.88 11.85
CA LYS C 52 -18.35 -0.07 12.77
C LYS C 52 -18.23 -1.45 12.14
N THR C 53 -17.61 -2.35 12.89
CA THR C 53 -17.59 -3.74 12.48
C THR C 53 -19.00 -4.31 12.50
N ASN C 54 -19.17 -5.41 11.77
CA ASN C 54 -20.45 -6.10 11.76
C ASN C 54 -20.75 -6.70 13.13
N THR C 55 -19.71 -7.12 13.88
CA THR C 55 -19.94 -7.60 15.24
C THR C 55 -20.59 -6.52 16.10
N ASP C 56 -20.28 -5.25 15.84
CA ASP C 56 -20.89 -4.16 16.56
C ASP C 56 -22.13 -3.62 15.85
N GLY C 57 -22.71 -4.39 14.95
CA GLY C 57 -23.94 -4.01 14.30
C GLY C 57 -23.75 -3.32 12.96
N GLY C 58 -22.52 -3.04 12.56
CA GLY C 58 -22.32 -2.31 11.34
C GLY C 58 -22.90 -0.92 11.39
N THR C 59 -22.99 -0.33 12.58
CA THR C 59 -23.70 0.93 12.72
C THR C 59 -22.87 2.07 12.14
N THR C 60 -23.59 3.03 11.59
CA THR C 60 -23.00 4.16 10.86
C THR C 60 -23.38 5.46 11.53
N ASP C 61 -22.56 6.48 11.35
CA ASP C 61 -22.97 7.83 11.69
C ASP C 61 -22.29 8.76 10.70
N TYR C 62 -22.83 9.97 10.57
CA TYR C 62 -22.51 10.86 9.45
C TYR C 62 -22.37 12.30 9.89
N ALA C 63 -21.58 13.05 9.14
CA ALA C 63 -21.46 14.49 9.37
C ALA C 63 -22.75 15.19 9.00
N ALA C 64 -23.08 16.24 9.76
CA ALA C 64 -24.29 17.00 9.48
C ALA C 64 -24.46 17.41 8.02
N PRO C 65 -23.42 17.84 7.29
CA PRO C 65 -23.68 18.29 5.91
C PRO C 65 -24.07 17.18 4.97
N VAL C 66 -23.89 15.91 5.32
CA VAL C 66 -24.23 14.84 4.38
C VAL C 66 -25.29 13.90 4.91
N LYS C 67 -25.71 14.07 6.17
CA LYS C 67 -26.70 13.18 6.74
C LYS C 67 -28.00 13.21 5.92
N GLY C 68 -28.54 12.02 5.64
CA GLY C 68 -29.73 11.95 4.82
C GLY C 68 -29.47 11.82 3.33
N ARG C 69 -28.25 12.11 2.88
CA ARG C 69 -27.88 11.95 1.48
C ARG C 69 -26.80 10.91 1.25
N PHE C 70 -25.87 10.72 2.22
CA PHE C 70 -24.77 9.79 2.08
C PHE C 70 -24.95 8.60 3.01
N THR C 71 -24.59 7.40 2.53
CA THR C 71 -24.69 6.18 3.34
C THR C 71 -23.44 5.33 3.13
N ILE C 72 -22.96 4.70 4.18
CA ILE C 72 -21.77 3.86 4.13
C ILE C 72 -22.19 2.41 4.29
N SER C 73 -21.57 1.52 3.55
CA SER C 73 -21.82 0.09 3.75
C SER C 73 -20.50 -0.65 3.59
N ARG C 74 -20.49 -1.89 4.03
CA ARG C 74 -19.29 -2.70 3.96
C ARG C 74 -19.69 -4.08 3.52
N ASP C 75 -18.84 -4.70 2.70
CA ASP C 75 -19.04 -6.06 2.21
C ASP C 75 -17.86 -6.85 2.73
N ASP C 76 -18.03 -7.50 3.89
CA ASP C 76 -16.90 -8.21 4.49
C ASP C 76 -16.46 -9.38 3.62
N SER C 77 -17.36 -9.96 2.82
CA SER C 77 -16.91 -11.10 2.02
C SER C 77 -15.91 -10.70 0.95
N LYS C 78 -15.94 -9.43 0.50
CA LYS C 78 -15.05 -8.91 -0.55
C LYS C 78 -14.01 -7.93 -0.01
N ASN C 79 -13.98 -7.74 1.31
CA ASN C 79 -13.08 -6.74 1.96
C ASN C 79 -13.16 -5.40 1.23
N THR C 80 -14.38 -4.95 0.99
CA THR C 80 -14.61 -3.67 0.30
C THR C 80 -15.61 -2.81 1.09
N LEU C 81 -15.31 -1.53 1.20
CA LEU C 81 -16.10 -0.49 1.88
C LEU C 81 -16.70 0.40 0.80
N TYR C 82 -17.91 0.95 1.02
CA TYR C 82 -18.57 1.78 0.03
C TYR C 82 -19.05 3.08 0.65
N LEU C 83 -19.12 4.13 -0.17
CA LEU C 83 -19.81 5.38 0.19
C LEU C 83 -20.81 5.69 -0.91
N GLN C 84 -22.08 5.66 -0.55
CA GLN C 84 -23.13 5.96 -1.52
C GLN C 84 -23.54 7.42 -1.37
N MET C 85 -23.46 8.16 -2.47
CA MET C 85 -23.76 9.59 -2.45
C MET C 85 -25.00 9.87 -3.28
N ASN C 86 -26.09 10.25 -2.63
CA ASN C 86 -27.30 10.63 -3.39
C ASN C 86 -27.50 12.12 -3.27
N SER C 87 -28.38 12.64 -4.13
CA SER C 87 -28.76 14.07 -4.11
C SER C 87 -27.52 14.97 -4.00
N LEU C 88 -26.56 14.72 -4.88
CA LEU C 88 -25.26 15.41 -4.79
C LEU C 88 -25.38 16.91 -5.11
N LYS C 89 -24.59 17.72 -4.40
CA LYS C 89 -24.58 19.18 -4.57
C LYS C 89 -23.19 19.61 -5.03
N THR C 90 -23.11 20.83 -5.63
CA THR C 90 -21.80 21.33 -6.06
C THR C 90 -20.85 21.41 -4.86
N GLU C 91 -21.35 21.71 -3.66
CA GLU C 91 -20.53 21.78 -2.45
C GLU C 91 -19.92 20.43 -2.04
N ASP C 92 -20.41 19.32 -2.58
CA ASP C 92 -19.80 18.03 -2.30
C ASP C 92 -18.58 17.74 -3.15
N THR C 93 -18.26 18.62 -4.12
CA THR C 93 -17.07 18.40 -4.94
C THR C 93 -15.84 18.29 -4.04
N ALA C 94 -15.10 17.19 -4.17
CA ALA C 94 -13.95 16.98 -3.26
C ALA C 94 -13.22 15.69 -3.63
N VAL C 95 -12.03 15.54 -3.11
CA VAL C 95 -11.37 14.23 -3.08
C VAL C 95 -11.87 13.51 -1.83
N TYR C 96 -12.28 12.25 -2.00
CA TYR C 96 -12.82 11.44 -0.92
C TYR C 96 -11.82 10.34 -0.59
N TYR C 97 -11.50 10.20 0.70
CA TYR C 97 -10.57 9.21 1.24
C TYR C 97 -11.29 8.23 2.13
N CYS C 98 -10.96 6.93 2.00
CA CYS C 98 -11.32 5.96 3.02
C CYS C 98 -10.12 5.83 3.97
N THR C 99 -10.41 5.66 5.26
CA THR C 99 -9.36 5.59 6.25
C THR C 99 -9.68 4.53 7.32
N THR C 100 -8.62 4.01 7.95
CA THR C 100 -8.82 3.15 9.11
C THR C 100 -7.55 3.20 9.94
N GLY C 101 -7.59 2.50 11.06
CA GLY C 101 -6.44 2.37 11.93
C GLY C 101 -6.40 0.96 12.52
N GLU C 102 -5.36 0.71 13.32
CA GLU C 102 -5.32 -0.58 14.01
C GLU C 102 -6.43 -0.66 15.05
N PRO C 103 -6.97 -1.84 15.32
CA PRO C 103 -7.97 -1.95 16.39
C PRO C 103 -7.23 -1.72 17.70
N LEU C 104 -7.73 -0.78 18.47
CA LEU C 104 -7.13 -0.49 19.76
C LEU C 104 -8.14 -0.76 20.86
N VAL C 105 -7.64 -0.89 22.09
CA VAL C 105 -8.53 -1.07 23.22
C VAL C 105 -9.52 0.09 23.29
N ASN C 106 -10.76 -0.22 23.70
CA ASN C 106 -11.85 0.76 23.80
C ASN C 106 -12.13 1.49 22.49
N HIS C 107 -11.75 0.88 21.37
CA HIS C 107 -12.13 1.36 20.04
C HIS C 107 -11.65 2.79 19.83
N ILE C 108 -10.47 3.09 20.37
CA ILE C 108 -9.81 4.35 20.06
C ILE C 108 -9.50 4.38 18.56
N THR C 109 -9.74 5.53 17.93
CA THR C 109 -9.61 5.76 16.49
C THR C 109 -8.37 6.58 16.17
N ILE C 110 -7.30 5.94 15.69
CA ILE C 110 -6.11 6.65 15.21
C ILE C 110 -5.93 6.29 13.74
N LEU C 111 -6.18 7.26 12.87
CA LEU C 111 -6.28 7.01 11.42
C LEU C 111 -4.91 6.97 10.76
N ASP C 112 -4.30 5.79 10.74
CA ASP C 112 -2.96 5.64 10.21
C ASP C 112 -2.95 5.27 8.74
N TYR C 113 -4.05 4.74 8.20
CA TYR C 113 -4.05 4.18 6.86
C TYR C 113 -5.09 4.89 6.02
N TRP C 114 -4.70 5.33 4.85
CA TRP C 114 -5.56 6.15 4.00
C TRP C 114 -5.51 5.60 2.59
N GLY C 115 -6.67 5.58 1.92
CA GLY C 115 -6.66 5.31 0.49
C GLY C 115 -6.02 6.45 -0.31
N GLN C 116 -5.90 6.21 -1.61
CA GLN C 116 -5.17 7.17 -2.43
C GLN C 116 -6.02 8.37 -2.79
N GLY C 117 -7.32 8.28 -2.56
CA GLY C 117 -8.24 9.36 -2.90
C GLY C 117 -8.92 9.16 -4.24
N THR C 118 -10.13 9.66 -4.33
CA THR C 118 -10.81 9.65 -5.63
C THR C 118 -11.60 10.96 -5.73
N LEU C 119 -11.54 11.61 -6.90
CA LEU C 119 -12.13 12.95 -7.02
C LEU C 119 -13.57 12.84 -7.53
N VAL C 120 -14.49 13.46 -6.83
CA VAL C 120 -15.89 13.58 -7.25
C VAL C 120 -16.15 15.03 -7.63
N THR C 121 -16.52 15.28 -8.89
CA THR C 121 -16.82 16.63 -9.37
C THR C 121 -18.32 16.69 -9.64
N VAL C 122 -19.02 17.59 -8.97
CA VAL C 122 -20.46 17.70 -9.17
C VAL C 122 -20.68 18.91 -10.04
N SER C 123 -21.14 18.69 -11.27
CA SER C 123 -21.24 19.76 -12.23
C SER C 123 -22.24 19.39 -13.29
N SER C 124 -22.96 20.38 -13.75
CA SER C 124 -23.84 20.21 -14.89
C SER C 124 -23.09 20.20 -16.22
N ALA C 125 -21.81 20.56 -16.22
CA ALA C 125 -21.05 20.69 -17.47
C ALA C 125 -20.69 19.34 -18.08
N SER C 126 -20.53 19.31 -19.40
CA SER C 126 -20.19 18.06 -20.07
C SER C 126 -18.68 17.84 -20.06
N THR C 127 -18.29 16.58 -20.22
CA THR C 127 -16.88 16.25 -20.33
C THR C 127 -16.30 16.86 -21.61
N LYS C 128 -15.04 17.27 -21.53
CA LYS C 128 -14.36 17.82 -22.69
C LYS C 128 -12.91 17.40 -22.62
N GLY C 129 -12.43 16.74 -23.67
CA GLY C 129 -11.05 16.34 -23.74
C GLY C 129 -10.21 17.56 -24.11
N PRO C 130 -8.93 17.54 -23.75
CA PRO C 130 -8.09 18.70 -23.97
C PRO C 130 -7.51 18.75 -25.37
N SER C 131 -7.08 19.95 -25.76
CA SER C 131 -6.15 20.08 -26.87
C SER C 131 -4.73 20.09 -26.31
N VAL C 132 -3.82 19.40 -26.98
CA VAL C 132 -2.44 19.29 -26.51
C VAL C 132 -1.54 19.90 -27.58
N PHE C 133 -0.89 21.01 -27.24
CA PHE C 133 -0.07 21.78 -28.15
C PHE C 133 1.35 21.86 -27.63
N PRO C 134 2.32 21.88 -28.53
CA PRO C 134 3.72 22.02 -28.10
C PRO C 134 4.05 23.45 -27.69
N LEU C 135 4.93 23.55 -26.71
CA LEU C 135 5.60 24.79 -26.34
C LEU C 135 6.99 24.61 -26.90
N ALA C 136 7.19 25.05 -28.14
CA ALA C 136 8.36 24.63 -28.89
C ALA C 136 9.61 25.31 -28.35
N PRO C 137 10.69 24.57 -28.15
CA PRO C 137 11.95 25.21 -27.74
C PRO C 137 12.56 25.95 -28.92
N SER C 138 13.28 27.04 -28.62
CA SER C 138 13.84 27.84 -29.68
C SER C 138 14.95 28.69 -29.10
N SER C 139 15.48 29.59 -29.91
CA SER C 139 16.46 30.54 -29.41
C SER C 139 15.87 31.41 -28.29
N LYS C 140 14.55 31.56 -28.22
CA LYS C 140 13.93 32.40 -27.20
C LYS C 140 13.55 31.64 -25.95
N SER C 141 13.85 30.34 -25.89
CA SER C 141 13.62 29.55 -24.71
C SER C 141 14.88 28.81 -24.29
N THR C 142 16.04 29.34 -24.62
CA THR C 142 17.27 28.69 -24.23
C THR C 142 18.28 29.73 -23.78
N SER C 143 18.71 29.60 -22.53
CA SER C 143 19.82 30.39 -22.02
C SER C 143 20.27 29.85 -20.69
N GLY C 144 21.55 29.50 -20.57
CA GLY C 144 22.45 29.29 -21.68
C GLY C 144 22.82 27.85 -21.43
N GLY C 145 22.78 27.02 -22.46
CA GLY C 145 23.01 25.60 -22.24
C GLY C 145 21.84 24.86 -21.62
N THR C 146 20.82 25.57 -21.16
CA THR C 146 19.58 24.96 -20.70
C THR C 146 18.46 25.41 -21.64
N ALA C 147 17.58 24.49 -22.00
CA ALA C 147 16.46 24.85 -22.87
C ALA C 147 15.18 24.46 -22.18
N ALA C 148 14.17 25.30 -22.33
CA ALA C 148 12.84 25.03 -21.83
C ALA C 148 11.95 24.65 -23.01
N LEU C 149 11.11 23.64 -22.78
CA LEU C 149 10.09 23.24 -23.74
C LEU C 149 8.92 22.71 -22.92
N GLY C 150 7.80 22.47 -23.59
CA GLY C 150 6.65 22.07 -22.80
C GLY C 150 5.50 21.65 -23.67
N CYS C 151 4.39 21.36 -23.00
CA CYS C 151 3.12 21.09 -23.65
C CYS C 151 2.04 21.93 -22.98
N LEU C 152 1.14 22.44 -23.80
CA LEU C 152 0.00 23.17 -23.29
C LEU C 152 -1.23 22.28 -23.46
N VAL C 153 -1.91 22.00 -22.36
CA VAL C 153 -3.04 21.08 -22.33
C VAL C 153 -4.26 21.96 -22.08
N LYS C 154 -5.03 22.22 -23.14
CA LYS C 154 -5.91 23.38 -23.22
C LYS C 154 -7.36 22.92 -23.23
N ASP C 155 -8.20 23.54 -22.38
CA ASP C 155 -9.66 23.49 -22.48
C ASP C 155 -10.19 22.05 -22.30
N TYR C 156 -10.14 21.58 -21.05
CA TYR C 156 -10.70 20.27 -20.73
C TYR C 156 -11.59 20.36 -19.51
N PHE C 157 -12.42 19.34 -19.36
CA PHE C 157 -13.28 19.24 -18.20
C PHE C 157 -13.77 17.80 -18.09
N PRO C 158 -13.82 17.26 -16.87
CA PRO C 158 -13.42 17.79 -15.57
C PRO C 158 -11.93 17.57 -15.30
N GLU C 159 -11.47 17.95 -14.12
CA GLU C 159 -10.19 17.48 -13.63
C GLU C 159 -10.31 15.98 -13.36
N PRO C 160 -9.20 15.24 -13.33
CA PRO C 160 -7.82 15.67 -13.54
C PRO C 160 -7.25 15.23 -14.89
N VAL C 161 -6.08 15.77 -15.25
CA VAL C 161 -5.28 15.20 -16.31
C VAL C 161 -3.93 14.80 -15.71
N THR C 162 -3.36 13.73 -16.26
CA THR C 162 -2.02 13.28 -15.89
C THR C 162 -1.07 13.61 -17.03
N VAL C 163 0.04 14.29 -16.71
CA VAL C 163 1.09 14.62 -17.68
C VAL C 163 2.39 13.99 -17.21
N SER C 164 2.93 13.10 -18.02
CA SER C 164 4.29 12.58 -17.85
C SER C 164 5.14 13.05 -19.02
N TRP C 165 6.46 12.86 -18.89
CA TRP C 165 7.40 13.12 -19.97
C TRP C 165 8.20 11.87 -20.25
N ASN C 166 8.34 11.52 -21.52
CA ASN C 166 9.05 10.32 -21.95
C ASN C 166 8.60 9.10 -21.16
N SER C 167 7.29 8.97 -20.99
CA SER C 167 6.67 7.84 -20.31
C SER C 167 7.18 7.70 -18.87
N GLY C 168 7.54 8.82 -18.25
CA GLY C 168 7.98 8.81 -16.88
C GLY C 168 9.48 8.72 -16.71
N ALA C 169 10.23 8.51 -17.78
CA ALA C 169 11.68 8.44 -17.67
C ALA C 169 12.29 9.81 -17.37
N LEU C 170 11.60 10.89 -17.73
CA LEU C 170 12.07 12.25 -17.52
C LEU C 170 11.26 12.84 -16.37
N THR C 171 11.93 13.08 -15.24
CA THR C 171 11.28 13.68 -14.07
C THR C 171 12.02 14.90 -13.55
N SER C 172 13.34 14.91 -13.58
CA SER C 172 14.05 16.07 -13.08
C SER C 172 13.79 17.26 -14.01
N GLY C 173 13.59 18.43 -13.43
CA GLY C 173 13.40 19.67 -14.18
C GLY C 173 12.00 19.89 -14.71
N VAL C 174 11.04 19.04 -14.37
CA VAL C 174 9.66 19.14 -14.85
C VAL C 174 8.84 20.01 -13.90
N HIS C 175 8.11 20.98 -14.46
CA HIS C 175 7.15 21.77 -13.71
C HIS C 175 5.80 21.67 -14.40
N THR C 176 4.87 20.94 -13.80
CA THR C 176 3.50 20.90 -14.28
C THR C 176 2.66 21.85 -13.45
N PHE C 177 2.11 22.86 -14.10
CA PHE C 177 1.48 23.93 -13.36
C PHE C 177 0.05 23.56 -12.97
N PRO C 178 -0.47 24.17 -11.90
CA PRO C 178 -1.90 24.00 -11.59
C PRO C 178 -2.75 24.52 -12.74
N ALA C 179 -3.82 23.78 -13.03
CA ALA C 179 -4.74 24.24 -14.05
C ALA C 179 -5.39 25.55 -13.63
N VAL C 180 -5.71 26.40 -14.61
CA VAL C 180 -6.51 27.59 -14.36
C VAL C 180 -7.88 27.37 -14.98
N LEU C 181 -8.90 27.90 -14.31
CA LEU C 181 -10.27 27.78 -14.78
C LEU C 181 -10.59 29.00 -15.65
N GLN C 182 -10.81 28.75 -16.94
CA GLN C 182 -11.17 29.78 -17.91
C GLN C 182 -12.52 30.42 -17.57
N SER C 183 -12.76 31.61 -18.15
CA SER C 183 -14.11 32.17 -18.07
C SER C 183 -15.12 31.29 -18.79
N SER C 184 -14.66 30.43 -19.72
CA SER C 184 -15.52 29.42 -20.36
C SER C 184 -15.91 28.29 -19.42
N GLY C 185 -15.29 28.17 -18.24
CA GLY C 185 -15.55 27.04 -17.37
C GLY C 185 -14.74 25.80 -17.67
N LEU C 186 -13.82 25.87 -18.63
CA LEU C 186 -12.91 24.77 -18.91
C LEU C 186 -11.54 25.06 -18.31
N TYR C 187 -10.79 23.98 -18.10
CA TYR C 187 -9.47 24.03 -17.52
C TYR C 187 -8.39 24.01 -18.59
N SER C 188 -7.27 24.69 -18.30
CA SER C 188 -6.05 24.53 -19.08
C SER C 188 -4.88 24.44 -18.14
N LEU C 189 -3.88 23.65 -18.51
CA LEU C 189 -2.63 23.65 -17.76
C LEU C 189 -1.48 23.53 -18.74
N SER C 190 -0.30 23.87 -18.26
CA SER C 190 0.92 23.66 -19.02
C SER C 190 1.87 22.81 -18.19
N SER C 191 2.69 22.05 -18.87
CA SER C 191 3.79 21.34 -18.23
C SER C 191 5.03 21.69 -19.04
N VAL C 192 6.07 22.15 -18.35
CA VAL C 192 7.30 22.58 -18.97
C VAL C 192 8.39 21.72 -18.36
N VAL C 193 9.50 21.61 -19.07
CA VAL C 193 10.65 20.89 -18.53
C VAL C 193 11.88 21.62 -19.02
N THR C 194 12.91 21.69 -18.18
CA THR C 194 14.18 22.26 -18.61
C THR C 194 15.16 21.12 -18.77
N VAL C 195 15.87 21.14 -19.89
CA VAL C 195 16.77 20.06 -20.29
C VAL C 195 18.06 20.68 -20.79
N PRO C 196 19.14 19.90 -20.82
CA PRO C 196 20.36 20.37 -21.46
C PRO C 196 20.10 20.56 -22.95
N SER C 197 20.68 21.58 -23.52
CA SER C 197 20.62 21.66 -24.98
C SER C 197 21.09 20.31 -25.55
N SER C 198 20.19 19.30 -25.37
CA SER C 198 20.25 17.87 -25.73
C SER C 198 19.11 17.52 -26.67
N SER C 199 18.53 18.54 -27.26
CA SER C 199 17.49 18.43 -28.26
C SER C 199 17.99 17.80 -29.55
N LEU C 200 19.32 17.56 -29.69
CA LEU C 200 19.91 16.88 -30.86
C LEU C 200 19.67 15.38 -30.84
N GLY C 201 19.52 14.79 -29.66
CA GLY C 201 19.60 13.35 -29.54
C GLY C 201 18.54 12.77 -28.63
N THR C 202 17.79 13.64 -27.96
CA THR C 202 16.57 13.31 -27.21
C THR C 202 16.86 12.55 -25.90
N TYR C 205 11.62 14.30 -27.22
CA TYR C 205 10.90 14.60 -25.97
C TYR C 205 9.44 14.56 -26.27
N ILE C 206 8.71 13.73 -25.53
CA ILE C 206 7.28 13.56 -25.74
C ILE C 206 6.59 13.78 -24.41
N CYS C 207 5.53 14.58 -24.43
CA CYS C 207 4.67 14.71 -23.27
C CYS C 207 3.51 13.74 -23.40
N ASN C 208 3.25 13.01 -22.35
CA ASN C 208 2.20 12.00 -22.34
C ASN C 208 1.07 12.58 -21.50
N VAL C 209 -0.03 12.91 -22.16
CA VAL C 209 -1.19 13.56 -21.56
C VAL C 209 -2.30 12.51 -21.50
N ASN C 210 -2.81 12.25 -20.30
CA ASN C 210 -3.85 11.26 -20.11
C ASN C 210 -5.04 11.93 -19.44
N HIS C 211 -6.17 11.96 -20.13
CA HIS C 211 -7.41 12.50 -19.55
C HIS C 211 -8.48 11.39 -19.58
N LYS C 212 -8.50 10.61 -18.51
CA LYS C 212 -9.37 9.44 -18.44
C LYS C 212 -10.86 9.73 -18.69
N PRO C 213 -11.45 10.84 -18.24
CA PRO C 213 -12.88 11.06 -18.53
C PRO C 213 -13.23 11.04 -20.01
N SER C 214 -12.32 11.51 -20.88
CA SER C 214 -12.60 11.62 -22.32
C SER C 214 -11.87 10.58 -23.15
N ASN C 215 -11.34 9.53 -22.51
CA ASN C 215 -10.49 8.51 -23.15
C ASN C 215 -9.38 9.15 -23.98
N THR C 216 -8.75 10.18 -23.43
CA THR C 216 -7.66 10.86 -24.10
C THR C 216 -6.35 10.29 -23.60
N LYS C 217 -5.57 9.71 -24.50
CA LYS C 217 -4.16 9.45 -24.26
C LYS C 217 -3.44 10.02 -25.46
N VAL C 218 -2.50 10.92 -25.20
CA VAL C 218 -1.80 11.67 -26.24
C VAL C 218 -0.30 11.56 -25.99
N ASP C 219 0.45 11.30 -27.04
CA ASP C 219 1.89 11.43 -27.01
C ASP C 219 2.22 12.51 -28.02
N LYS C 220 2.67 13.65 -27.54
CA LYS C 220 2.85 14.81 -28.39
C LYS C 220 4.34 15.09 -28.48
N LYS C 221 4.85 15.03 -29.71
CA LYS C 221 6.24 15.37 -29.96
C LYS C 221 6.41 16.87 -29.79
N VAL C 222 7.44 17.26 -29.07
CA VAL C 222 7.72 18.68 -28.88
C VAL C 222 9.06 18.92 -29.55
N GLU C 223 9.00 19.47 -30.72
CA GLU C 223 10.16 19.68 -31.55
C GLU C 223 10.52 21.14 -31.63
N PRO C 224 11.80 21.43 -31.83
CA PRO C 224 12.24 22.81 -31.98
C PRO C 224 11.62 23.55 -33.17
N LYS C 225 11.53 24.87 -33.01
CA LYS C 225 10.95 25.79 -33.96
C LYS C 225 11.88 26.99 -34.07
N SER C 226 12.06 27.51 -35.28
CA SER C 226 12.85 28.72 -35.42
C SER C 226 12.09 29.92 -34.87
N CYS C 227 12.73 30.67 -33.99
CA CYS C 227 12.09 31.81 -33.36
C CYS C 227 13.14 32.84 -32.93
N ASP D 1 -19.29 20.03 19.21
CA ASP D 1 -18.18 19.62 18.34
C ASP D 1 -16.90 20.30 18.84
N ILE D 2 -15.79 19.56 18.92
CA ILE D 2 -14.53 20.17 19.32
C ILE D 2 -13.93 20.89 18.11
N VAL D 3 -13.77 22.20 18.22
CA VAL D 3 -13.22 22.98 17.13
C VAL D 3 -11.70 23.06 17.32
N MET D 4 -10.95 22.79 16.26
CA MET D 4 -9.50 22.81 16.30
C MET D 4 -9.02 24.01 15.48
N THR D 5 -8.16 24.85 16.07
CA THR D 5 -7.69 26.08 15.43
C THR D 5 -6.18 26.07 15.35
N GLN D 6 -5.66 26.16 14.15
CA GLN D 6 -4.22 26.22 13.95
C GLN D 6 -3.76 27.63 13.67
N SER D 7 -2.54 27.92 14.12
CA SER D 7 -1.88 29.20 13.86
C SER D 7 -0.40 29.01 13.65
N PRO D 8 0.18 29.73 12.69
CA PRO D 8 -0.51 30.55 11.67
C PRO D 8 -1.12 29.66 10.59
N ASP D 9 -1.81 30.26 9.59
CA ASP D 9 -2.27 29.46 8.46
C ASP D 9 -1.12 29.13 7.49
N SER D 10 -0.06 29.92 7.53
CA SER D 10 1.10 29.74 6.68
C SER D 10 2.33 30.27 7.41
N LEU D 11 3.44 29.54 7.28
CA LEU D 11 4.70 29.78 7.98
C LEU D 11 5.84 29.59 7.01
N ALA D 12 6.78 30.52 6.96
CA ALA D 12 8.01 30.32 6.20
C ALA D 12 9.18 30.39 7.15
N VAL D 13 10.05 29.38 7.07
CA VAL D 13 11.20 29.25 7.97
C VAL D 13 12.41 28.95 7.11
N SER D 14 13.56 29.49 7.51
CA SER D 14 14.79 29.23 6.77
C SER D 14 15.16 27.76 6.84
N LEU D 15 15.81 27.29 5.78
CA LEU D 15 16.25 25.89 5.68
C LEU D 15 17.09 25.53 6.89
N GLY D 16 16.76 24.40 7.50
CA GLY D 16 17.51 23.90 8.63
C GLY D 16 17.20 24.54 9.95
N GLU D 17 16.33 25.53 9.99
CA GLU D 17 15.94 26.20 11.22
C GLU D 17 14.68 25.56 11.78
N ARG D 18 14.36 25.91 13.03
CA ARG D 18 13.23 25.33 13.74
C ARG D 18 11.91 25.97 13.31
N ALA D 19 10.89 25.12 13.10
CA ALA D 19 9.55 25.56 12.77
C ALA D 19 8.58 25.02 13.79
N THR D 20 7.68 25.88 14.28
CA THR D 20 6.63 25.39 15.17
C THR D 20 5.24 25.81 14.71
N ILE D 21 4.26 24.95 14.93
CA ILE D 21 2.88 25.20 14.56
C ILE D 21 2.03 25.05 15.81
N ASN D 22 1.04 25.94 15.98
CA ASN D 22 0.19 25.86 17.18
C ASN D 22 -1.15 25.26 16.82
N CYS D 23 -1.73 24.50 17.75
CA CYS D 23 -3.08 23.97 17.57
C CYS D 23 -3.80 24.13 18.89
N LYS D 24 -4.98 24.76 18.89
CA LYS D 24 -5.79 24.88 20.10
C LYS D 24 -7.12 24.19 19.90
N SER D 25 -7.55 23.42 20.91
CA SER D 25 -8.86 22.80 20.88
C SER D 25 -9.84 23.61 21.72
N SER D 26 -11.12 23.59 21.32
CA SER D 26 -12.13 24.38 22.03
C SER D 26 -12.52 23.77 23.37
N GLN D 27 -12.17 22.51 23.61
CA GLN D 27 -12.23 21.95 24.94
C GLN D 27 -11.09 20.94 25.08
N SER D 28 -10.79 20.61 26.33
CA SER D 28 -9.63 19.76 26.61
C SER D 28 -9.77 18.40 25.96
N VAL D 29 -8.67 17.90 25.42
CA VAL D 29 -8.66 16.53 24.91
C VAL D 29 -7.76 15.63 25.75
N LEU D 30 -7.48 16.05 27.00
CA LEU D 30 -6.75 15.24 27.98
C LEU D 30 -7.75 14.42 28.79
N TYR D 31 -7.66 13.10 28.70
CA TYR D 31 -8.56 12.19 29.41
C TYR D 31 -7.96 11.94 30.78
N SER D 32 -8.68 12.31 31.83
CA SER D 32 -8.09 12.23 33.16
C SER D 32 -7.92 10.79 33.61
N SER D 33 -8.75 9.87 33.09
CA SER D 33 -8.72 8.46 33.50
C SER D 33 -7.39 7.80 33.16
N ASN D 34 -7.05 7.73 31.87
CA ASN D 34 -5.67 7.43 31.56
C ASN D 34 -5.04 8.81 31.68
N ASN D 35 -3.92 9.06 31.09
CA ASN D 35 -3.46 10.45 31.20
C ASN D 35 -3.01 10.86 29.83
N LYS D 36 -3.87 10.61 28.87
CA LYS D 36 -3.52 10.71 27.46
C LYS D 36 -4.25 11.85 26.80
N ASN D 37 -3.55 12.54 25.91
CA ASN D 37 -4.13 13.57 25.08
C ASN D 37 -4.54 12.95 23.75
N TYR D 38 -5.80 13.08 23.37
CA TYR D 38 -6.31 12.40 22.18
C TYR D 38 -6.15 13.31 20.95
N LEU D 39 -4.89 13.49 20.53
CA LEU D 39 -4.47 14.49 19.58
C LEU D 39 -3.47 13.90 18.61
N ALA D 40 -3.69 14.13 17.30
CA ALA D 40 -2.80 13.64 16.26
C ALA D 40 -2.39 14.76 15.33
N TRP D 41 -1.24 14.58 14.70
CA TRP D 41 -0.68 15.49 13.71
C TRP D 41 -0.43 14.73 12.42
N TYR D 42 -0.76 15.38 11.30
CA TYR D 42 -0.65 14.85 9.95
C TYR D 42 0.15 15.77 9.04
N GLN D 43 0.82 15.18 8.05
CA GLN D 43 1.49 15.94 7.00
C GLN D 43 0.87 15.55 5.67
N GLN D 44 0.54 16.54 4.85
CA GLN D 44 -0.04 16.24 3.53
C GLN D 44 0.71 16.98 2.45
N LYS D 45 1.31 16.22 1.52
CA LYS D 45 1.95 16.76 0.32
C LYS D 45 1.01 16.70 -0.88
N PRO D 46 1.27 17.50 -1.92
CA PRO D 46 0.35 17.55 -3.08
C PRO D 46 0.12 16.18 -3.70
N GLY D 47 -1.15 15.89 -3.96
CA GLY D 47 -1.58 14.67 -4.62
C GLY D 47 -1.60 13.42 -3.79
N GLN D 48 -1.33 13.53 -2.49
CA GLN D 48 -1.21 12.40 -1.59
C GLN D 48 -2.24 12.56 -0.48
N PRO D 49 -2.65 11.46 0.15
CA PRO D 49 -3.42 11.55 1.36
C PRO D 49 -2.55 12.10 2.47
N PRO D 50 -3.17 12.59 3.55
CA PRO D 50 -2.41 12.92 4.76
C PRO D 50 -1.70 11.69 5.29
N LYS D 51 -0.57 11.94 5.96
CA LYS D 51 0.23 10.89 6.57
C LYS D 51 0.32 11.17 8.05
N LEU D 52 0.05 10.16 8.86
CA LEU D 52 0.09 10.35 10.31
C LEU D 52 1.54 10.50 10.77
N LEU D 53 1.83 11.58 11.49
CA LEU D 53 3.15 11.85 12.07
C LEU D 53 3.22 11.52 13.56
N ILE D 54 2.23 11.98 14.33
CA ILE D 54 2.29 11.98 15.79
C ILE D 54 0.91 11.60 16.29
N TYR D 55 0.82 10.78 17.34
CA TYR D 55 -0.45 10.54 18.00
C TYR D 55 -0.22 10.54 19.51
N TRP D 56 -1.31 10.55 20.30
CA TRP D 56 -1.23 10.83 21.75
C TRP D 56 -0.44 12.09 22.03
N ALA D 57 -0.57 13.08 21.13
CA ALA D 57 0.09 14.40 21.20
C ALA D 57 1.61 14.36 21.05
N SER D 58 2.28 13.29 21.52
CA SER D 58 3.74 13.29 21.49
C SER D 58 4.39 11.99 21.01
N THR D 59 3.63 10.98 20.63
CA THR D 59 4.24 9.73 20.21
C THR D 59 4.46 9.77 18.70
N ARG D 60 5.71 9.63 18.27
CA ARG D 60 6.02 9.59 16.86
C ARG D 60 5.62 8.27 16.23
N GLU D 61 4.96 8.33 15.08
CA GLU D 61 4.65 7.14 14.33
C GLU D 61 5.95 6.51 13.81
N SER D 62 5.97 5.19 13.77
CA SER D 62 7.14 4.45 13.33
C SER D 62 7.56 4.91 11.95
N GLY D 63 8.86 5.13 11.77
CA GLY D 63 9.38 5.59 10.50
C GLY D 63 9.40 7.09 10.32
N VAL D 64 8.79 7.85 11.21
CA VAL D 64 8.78 9.31 11.08
C VAL D 64 10.11 9.87 11.58
N PRO D 65 10.78 10.75 10.83
CA PRO D 65 12.08 11.27 11.29
C PRO D 65 11.98 11.93 12.66
N ASP D 66 13.10 11.85 13.39
CA ASP D 66 13.21 12.40 14.74
C ASP D 66 12.99 13.90 14.78
N ARG D 67 13.21 14.61 13.68
CA ARG D 67 13.05 16.05 13.73
C ARG D 67 11.59 16.48 13.94
N PHE D 68 10.63 15.58 13.75
CA PHE D 68 9.23 15.88 14.06
C PHE D 68 8.93 15.52 15.51
N SER D 69 8.42 16.48 16.28
CA SER D 69 8.02 16.16 17.64
C SER D 69 6.77 16.95 18.01
N GLY D 70 5.96 16.37 18.88
CA GLY D 70 4.75 17.02 19.34
C GLY D 70 4.82 17.21 20.84
N SER D 71 4.20 18.29 21.31
CA SER D 71 4.18 18.60 22.73
C SER D 71 2.90 19.33 23.07
N GLY D 72 2.72 19.59 24.35
CA GLY D 72 1.55 20.28 24.82
C GLY D 72 0.59 19.34 25.49
N SER D 73 -0.48 19.92 26.01
CA SER D 73 -1.43 19.14 26.78
C SER D 73 -2.73 19.93 26.90
N GLY D 74 -3.84 19.20 27.05
CA GLY D 74 -5.09 19.82 27.38
C GLY D 74 -5.73 20.43 26.16
N THR D 75 -5.55 21.75 25.99
CA THR D 75 -6.12 22.46 24.84
C THR D 75 -5.07 23.06 23.96
N ASP D 76 -3.80 23.02 24.34
CA ASP D 76 -2.79 23.80 23.63
C ASP D 76 -1.66 22.87 23.23
N PHE D 77 -1.44 22.74 21.91
CA PHE D 77 -0.49 21.76 21.39
C PHE D 77 0.41 22.42 20.36
N THR D 78 1.62 21.86 20.21
CA THR D 78 2.63 22.39 19.30
C THR D 78 3.24 21.23 18.51
N LEU D 79 3.38 21.41 17.19
CA LEU D 79 4.20 20.53 16.38
C LEU D 79 5.50 21.29 16.11
N THR D 80 6.64 20.65 16.41
CA THR D 80 7.95 21.24 16.18
C THR D 80 8.66 20.40 15.13
N ILE D 81 9.18 21.08 14.11
CA ILE D 81 10.13 20.51 13.18
C ILE D 81 11.47 21.16 13.51
N SER D 82 12.36 20.37 14.13
CA SER D 82 13.53 20.96 14.76
C SER D 82 14.52 21.53 13.75
N SER D 83 14.54 21.02 12.52
CA SER D 83 15.47 21.50 11.50
C SER D 83 14.75 21.29 10.17
N LEU D 84 14.15 22.35 9.65
CA LEU D 84 13.23 22.19 8.52
C LEU D 84 13.99 21.81 7.25
N GLN D 85 13.56 20.74 6.58
CA GLN D 85 14.21 20.29 5.36
C GLN D 85 13.37 20.69 4.16
N ALA D 86 14.02 20.80 3.00
CA ALA D 86 13.31 21.24 1.80
C ALA D 86 12.12 20.32 1.53
N GLU D 87 12.27 19.02 1.81
CA GLU D 87 11.20 18.06 1.55
C GLU D 87 10.02 18.19 2.52
N ASP D 88 10.15 19.01 3.55
CA ASP D 88 9.09 19.13 4.55
C ASP D 88 8.01 20.12 4.16
N VAL D 89 8.15 20.83 3.03
CA VAL D 89 7.09 21.74 2.60
C VAL D 89 5.87 20.89 2.33
N ALA D 90 4.77 21.23 3.00
CA ALA D 90 3.58 20.40 3.12
C ALA D 90 2.58 21.27 3.88
N VAL D 91 1.35 20.80 3.91
CA VAL D 91 0.33 21.32 4.82
C VAL D 91 0.23 20.34 5.98
N TYR D 92 0.26 20.87 7.21
CA TYR D 92 0.21 20.06 8.42
C TYR D 92 -1.13 20.28 9.13
N TYR D 93 -1.75 19.19 9.58
CA TYR D 93 -3.04 19.26 10.24
C TYR D 93 -2.95 18.65 11.62
N CYS D 94 -3.59 19.31 12.59
CA CYS D 94 -3.87 18.62 13.84
C CYS D 94 -5.26 17.99 13.78
N GLN D 95 -5.51 17.06 14.69
CA GLN D 95 -6.79 16.36 14.66
C GLN D 95 -7.06 15.88 16.07
N GLN D 96 -8.30 16.00 16.53
CA GLN D 96 -8.69 15.37 17.78
C GLN D 96 -9.51 14.10 17.56
N TYR D 97 -9.26 13.09 18.40
CA TYR D 97 -10.04 11.86 18.38
C TYR D 97 -10.57 11.56 19.77
N TYR D 98 -10.78 12.62 20.55
CA TYR D 98 -11.31 12.51 21.91
C TYR D 98 -12.83 12.31 21.90
N ARG D 99 -13.54 13.08 21.08
CA ARG D 99 -14.99 13.00 20.98
C ARG D 99 -15.29 12.72 19.52
N THR D 100 -15.56 11.45 19.20
CA THR D 100 -15.46 10.93 17.83
C THR D 100 -16.67 11.24 16.95
N PRO D 101 -17.87 11.42 17.50
CA PRO D 101 -18.76 12.00 16.50
C PRO D 101 -18.89 13.50 16.67
N PRO D 102 -18.29 14.32 15.81
CA PRO D 102 -17.39 14.06 14.68
C PRO D 102 -15.89 14.15 15.00
N LEU D 103 -15.06 13.32 14.39
CA LEU D 103 -13.64 13.62 14.32
C LEU D 103 -13.45 14.97 13.65
N THR D 104 -12.54 15.79 14.17
CA THR D 104 -12.37 17.13 13.62
C THR D 104 -10.89 17.40 13.45
N PHE D 105 -10.58 18.14 12.39
CA PHE D 105 -9.25 18.55 12.01
C PHE D 105 -9.09 20.05 12.16
N GLY D 106 -7.87 20.49 12.42
CA GLY D 106 -7.59 21.91 12.26
C GLY D 106 -7.65 22.30 10.79
N GLY D 107 -7.55 23.61 10.52
CA GLY D 107 -7.67 24.08 9.16
C GLY D 107 -6.45 23.89 8.30
N GLY D 108 -5.33 23.46 8.90
CA GLY D 108 -4.07 23.23 8.20
C GLY D 108 -3.16 24.43 8.29
N THR D 109 -1.84 24.14 8.30
CA THR D 109 -0.80 25.17 8.22
C THR D 109 0.13 24.81 7.08
N LYS D 110 0.28 25.72 6.14
CA LYS D 110 1.20 25.51 5.04
C LYS D 110 2.60 25.91 5.50
N VAL D 111 3.55 25.01 5.36
CA VAL D 111 4.96 25.33 5.72
C VAL D 111 5.77 25.54 4.45
N GLU D 112 6.53 26.62 4.42
CA GLU D 112 7.31 27.03 3.27
C GLU D 112 8.74 27.28 3.72
N ILE D 113 9.67 27.23 2.76
CA ILE D 113 11.08 27.52 3.02
C ILE D 113 11.40 28.94 2.61
N LYS D 114 12.21 29.63 3.41
CA LYS D 114 13.01 30.80 2.94
C LYS D 114 14.53 30.43 2.98
N ARG D 115 15.54 30.91 2.20
CA ARG D 115 15.73 31.29 0.77
C ARG D 115 16.02 32.79 0.45
N THR D 116 17.16 33.07 -0.17
CA THR D 116 17.48 34.42 -0.62
C THR D 116 16.70 34.77 -1.88
N VAL D 117 16.69 36.06 -2.22
CA VAL D 117 16.03 36.48 -3.44
C VAL D 117 16.74 35.82 -4.61
N ALA D 118 15.97 35.25 -5.55
CA ALA D 118 16.54 34.59 -6.72
C ALA D 118 15.80 35.05 -7.95
N ALA D 119 16.56 35.53 -8.95
CA ALA D 119 15.96 36.02 -10.17
C ALA D 119 15.48 34.83 -11.01
N PRO D 120 14.40 35.01 -11.73
CA PRO D 120 13.91 33.93 -12.59
C PRO D 120 14.68 33.90 -13.90
N SER D 121 14.76 32.70 -14.49
CA SER D 121 15.03 32.58 -15.91
C SER D 121 13.72 32.77 -16.67
N VAL D 122 13.73 33.57 -17.72
CA VAL D 122 12.52 33.88 -18.51
C VAL D 122 12.65 33.30 -19.89
N PHE D 123 11.66 32.49 -20.27
CA PHE D 123 11.54 31.88 -21.58
C PHE D 123 10.17 32.24 -22.16
N ILE D 124 10.08 32.32 -23.49
CA ILE D 124 8.83 32.67 -24.16
C ILE D 124 8.58 31.69 -25.30
N PHE D 125 7.31 31.35 -25.52
CA PHE D 125 6.92 30.36 -26.53
C PHE D 125 5.82 30.95 -27.42
N PRO D 126 5.97 30.89 -28.73
CA PRO D 126 4.92 31.34 -29.64
C PRO D 126 3.85 30.28 -29.80
N PRO D 127 2.69 30.63 -30.35
CA PRO D 127 1.66 29.61 -30.61
C PRO D 127 2.11 28.63 -31.67
N SER D 128 1.61 27.40 -31.56
CA SER D 128 1.97 26.35 -32.51
C SER D 128 1.18 26.45 -33.81
N ASP D 129 1.70 25.77 -34.83
CA ASP D 129 0.98 25.64 -36.10
C ASP D 129 -0.41 25.05 -35.88
N GLU D 130 -0.50 23.98 -35.08
CA GLU D 130 -1.76 23.28 -34.90
C GLU D 130 -2.82 24.16 -34.24
N GLN D 131 -2.42 25.00 -33.28
CA GLN D 131 -3.42 25.82 -32.60
C GLN D 131 -3.91 26.97 -33.49
N LEU D 132 -3.01 27.56 -34.28
CA LEU D 132 -3.42 28.65 -35.15
C LEU D 132 -4.47 28.18 -36.15
N LYS D 133 -4.36 26.92 -36.59
CA LYS D 133 -5.31 26.38 -37.56
C LYS D 133 -6.70 26.19 -36.95
N SER D 134 -6.82 26.25 -35.62
CA SER D 134 -8.11 26.14 -34.97
C SER D 134 -8.75 27.48 -34.66
N GLY D 135 -8.06 28.59 -34.91
CA GLY D 135 -8.63 29.91 -34.74
C GLY D 135 -8.15 30.70 -33.54
N THR D 136 -7.36 30.09 -32.65
CA THR D 136 -6.87 30.78 -31.46
C THR D 136 -5.35 30.68 -31.41
N ALA D 137 -4.74 31.63 -30.70
CA ALA D 137 -3.29 31.64 -30.51
C ALA D 137 -2.97 31.85 -29.04
N SER D 138 -2.28 30.89 -28.43
CA SER D 138 -1.80 31.04 -27.07
C SER D 138 -0.29 31.29 -27.08
N VAL D 139 0.13 32.37 -26.43
CA VAL D 139 1.53 32.68 -26.20
C VAL D 139 1.81 32.43 -24.73
N VAL D 140 2.94 31.78 -24.43
CA VAL D 140 3.27 31.35 -23.08
C VAL D 140 4.60 31.97 -22.66
N CYS D 141 4.63 32.52 -21.45
CA CYS D 141 5.84 33.05 -20.84
C CYS D 141 6.15 32.23 -19.60
N LEU D 142 7.41 31.80 -19.46
CA LEU D 142 7.81 30.96 -18.34
C LEU D 142 8.86 31.69 -17.51
N LEU D 143 8.62 31.76 -16.20
CA LEU D 143 9.59 32.25 -15.25
C LEU D 143 10.02 31.06 -14.41
N ASN D 144 11.29 30.67 -14.50
CA ASN D 144 11.73 29.42 -13.88
C ASN D 144 12.61 29.67 -12.66
N ASN D 145 12.31 28.97 -11.57
CA ASN D 145 13.19 28.76 -10.42
C ASN D 145 13.66 30.09 -9.79
N PHE D 146 12.70 30.76 -9.17
CA PHE D 146 12.95 32.02 -8.48
C PHE D 146 12.52 31.89 -7.02
N TYR D 147 13.01 32.79 -6.15
CA TYR D 147 12.48 32.54 -4.81
C TYR D 147 11.31 33.42 -4.38
N PRO D 148 11.39 34.74 -4.39
CA PRO D 148 10.25 35.48 -3.86
C PRO D 148 9.04 35.20 -4.72
N ARG D 149 8.03 34.53 -4.14
CA ARG D 149 6.92 34.03 -4.95
C ARG D 149 6.28 35.17 -5.72
N GLU D 150 6.39 36.39 -5.22
CA GLU D 150 5.76 37.53 -5.85
C GLU D 150 6.46 37.85 -7.16
N ALA D 151 5.69 37.95 -8.24
CA ALA D 151 6.23 38.28 -9.54
C ALA D 151 5.14 38.89 -10.39
N LYS D 152 5.49 39.87 -11.21
CA LYS D 152 4.55 40.53 -12.11
C LYS D 152 4.96 40.24 -13.54
N VAL D 153 3.99 39.83 -14.35
CA VAL D 153 4.17 39.62 -15.78
C VAL D 153 3.19 40.52 -16.51
N GLN D 154 3.69 41.36 -17.39
CA GLN D 154 2.88 42.20 -18.26
C GLN D 154 3.11 41.78 -19.70
N TRP D 155 2.10 41.23 -20.34
CA TRP D 155 2.14 40.96 -21.77
C TRP D 155 1.98 42.27 -22.55
N LYS D 156 2.78 42.42 -23.62
CA LYS D 156 2.68 43.53 -24.54
C LYS D 156 2.61 42.99 -25.97
N VAL D 157 1.75 43.59 -26.79
CA VAL D 157 1.58 43.20 -28.17
C VAL D 157 1.81 44.44 -29.02
N ASP D 158 2.87 44.40 -29.84
CA ASP D 158 3.33 45.60 -30.56
C ASP D 158 3.48 46.77 -29.59
N ASN D 159 4.05 46.48 -28.43
CA ASN D 159 4.35 47.42 -27.35
C ASN D 159 3.12 47.93 -26.60
N ALA D 160 1.93 47.40 -26.89
CA ALA D 160 0.69 47.81 -26.24
C ALA D 160 0.33 46.82 -25.13
N LEU D 161 0.19 47.32 -23.91
CA LEU D 161 -0.03 46.47 -22.75
C LEU D 161 -1.40 45.81 -22.81
N GLN D 162 -1.46 44.52 -22.49
CA GLN D 162 -2.69 43.76 -22.53
C GLN D 162 -3.29 43.59 -21.14
N SER D 163 -4.59 43.39 -21.10
CA SER D 163 -5.26 43.11 -19.84
C SER D 163 -6.48 42.25 -20.10
N GLY D 164 -6.76 41.33 -19.19
CA GLY D 164 -7.95 40.52 -19.24
C GLY D 164 -7.89 39.32 -20.16
N ASN D 165 -6.82 39.15 -20.94
CA ASN D 165 -6.72 38.05 -21.88
C ASN D 165 -5.54 37.13 -21.54
N SER D 166 -5.16 37.08 -20.27
CA SER D 166 -4.12 36.17 -19.81
C SER D 166 -4.51 35.57 -18.46
N GLN D 167 -3.99 34.38 -18.18
CA GLN D 167 -4.09 33.75 -16.87
C GLN D 167 -2.74 33.14 -16.52
N GLU D 168 -2.50 32.96 -15.21
CA GLU D 168 -1.23 32.41 -14.77
C GLU D 168 -1.39 31.48 -13.58
N SER D 169 -0.40 30.63 -13.38
CA SER D 169 -0.34 29.82 -12.18
C SER D 169 1.11 29.63 -11.77
N VAL D 170 1.27 29.29 -10.50
CA VAL D 170 2.55 29.21 -9.83
C VAL D 170 2.65 27.80 -9.26
N THR D 171 3.82 27.20 -9.34
CA THR D 171 4.02 25.88 -8.77
C THR D 171 4.06 25.95 -7.24
N GLU D 172 3.85 24.80 -6.60
CA GLU D 172 4.15 24.72 -5.18
C GLU D 172 5.65 24.82 -4.99
N GLN D 173 6.06 25.15 -3.78
CA GLN D 173 7.49 25.32 -3.57
C GLN D 173 8.21 24.01 -3.85
N ASP D 174 9.30 24.10 -4.60
CA ASP D 174 10.02 22.93 -5.04
C ASP D 174 10.56 22.13 -3.86
N SER D 175 10.29 20.82 -3.88
CA SER D 175 10.72 19.90 -2.83
C SER D 175 12.21 19.69 -2.78
N LYS D 176 12.95 20.10 -3.82
CA LYS D 176 14.39 19.90 -3.92
C LYS D 176 15.17 21.18 -3.60
N ASP D 177 14.90 22.26 -4.33
CA ASP D 177 15.67 23.50 -4.19
C ASP D 177 14.87 24.68 -3.64
N SER D 178 13.60 24.49 -3.28
CA SER D 178 12.82 25.51 -2.57
C SER D 178 12.55 26.75 -3.41
N THR D 179 12.54 26.65 -4.75
CA THR D 179 12.19 27.77 -5.62
C THR D 179 10.76 27.62 -6.14
N TYR D 180 10.30 28.65 -6.85
CA TYR D 180 8.99 28.68 -7.51
C TYR D 180 9.19 28.87 -9.01
N SER D 181 8.17 28.48 -9.79
CA SER D 181 8.14 28.80 -11.21
C SER D 181 6.74 29.31 -11.54
N LEU D 182 6.64 30.12 -12.58
CA LEU D 182 5.37 30.74 -12.91
C LEU D 182 5.16 30.62 -14.41
N SER D 183 3.94 30.31 -14.80
CA SER D 183 3.53 30.19 -16.18
C SER D 183 2.41 31.17 -16.47
N SER D 184 2.55 31.98 -17.52
CA SER D 184 1.49 32.86 -17.94
C SER D 184 1.13 32.59 -19.40
N THR D 185 -0.16 32.43 -19.68
CA THR D 185 -0.66 32.15 -21.03
C THR D 185 -1.49 33.32 -21.50
N LEU D 186 -1.07 33.97 -22.57
CA LEU D 186 -1.84 35.00 -23.25
C LEU D 186 -2.57 34.36 -24.43
N THR D 187 -3.91 34.46 -24.43
CA THR D 187 -4.72 33.82 -25.46
C THR D 187 -5.42 34.89 -26.29
N LEU D 188 -5.18 34.86 -27.61
CA LEU D 188 -5.77 35.79 -28.56
C LEU D 188 -6.41 34.99 -29.70
N SER D 189 -7.28 35.67 -30.44
CA SER D 189 -7.80 35.07 -31.65
C SER D 189 -6.70 34.99 -32.70
N LYS D 190 -6.80 33.97 -33.56
CA LYS D 190 -5.87 33.88 -34.69
C LYS D 190 -5.82 35.19 -35.45
N ALA D 191 -7.00 35.76 -35.73
CA ALA D 191 -7.07 37.02 -36.48
C ALA D 191 -6.31 38.12 -35.76
N ASP D 192 -6.48 38.22 -34.44
CA ASP D 192 -5.74 39.23 -33.69
C ASP D 192 -4.25 38.93 -33.71
N TYR D 193 -3.88 37.64 -33.62
CA TYR D 193 -2.47 37.26 -33.60
C TYR D 193 -1.76 37.67 -34.88
N GLU D 194 -2.40 37.45 -36.04
CA GLU D 194 -1.76 37.80 -37.30
C GLU D 194 -1.67 39.30 -37.51
N LYS D 195 -2.61 40.07 -36.97
CA LYS D 195 -2.61 41.52 -37.19
C LYS D 195 -1.40 42.22 -36.57
N HIS D 196 -0.70 41.56 -35.64
CA HIS D 196 0.40 42.18 -34.93
C HIS D 196 1.69 41.41 -35.19
N LYS D 197 2.81 41.99 -34.75
CA LYS D 197 4.13 41.47 -35.08
C LYS D 197 4.97 41.14 -33.86
N VAL D 198 5.06 42.04 -32.88
CA VAL D 198 5.95 41.87 -31.74
C VAL D 198 5.13 41.43 -30.52
N TYR D 199 5.49 40.28 -29.94
CA TYR D 199 4.82 39.73 -28.77
C TYR D 199 5.82 39.57 -27.64
N ALA D 200 5.54 40.17 -26.48
CA ALA D 200 6.50 40.27 -25.39
C ALA D 200 5.85 40.01 -24.03
N CYS D 201 6.58 39.35 -23.15
CA CYS D 201 6.22 39.25 -21.74
C CYS D 201 7.28 39.98 -20.92
N GLU D 202 6.85 40.91 -20.08
CA GLU D 202 7.76 41.69 -19.26
C GLU D 202 7.65 41.23 -17.82
N VAL D 203 8.80 40.97 -17.21
CA VAL D 203 8.86 40.35 -15.89
C VAL D 203 9.55 41.31 -14.93
N THR D 204 8.87 41.62 -13.84
CA THR D 204 9.43 42.41 -12.76
C THR D 204 9.44 41.53 -11.52
N HIS D 205 10.58 41.52 -10.83
CA HIS D 205 10.83 40.63 -9.71
C HIS D 205 11.96 41.20 -8.88
N GLN D 206 11.93 40.88 -7.58
CA GLN D 206 12.89 41.39 -6.60
C GLN D 206 14.34 41.25 -7.06
N GLY D 207 14.70 40.08 -7.56
CA GLY D 207 16.09 39.75 -7.86
C GLY D 207 16.68 40.42 -9.08
N LEU D 208 15.93 41.30 -9.73
CA LEU D 208 16.34 41.90 -10.99
C LEU D 208 16.65 43.37 -10.80
N SER D 209 17.74 43.83 -11.44
CA SER D 209 18.10 45.25 -11.35
C SER D 209 17.13 46.11 -12.14
N SER D 210 16.62 45.60 -13.24
CA SER D 210 15.60 46.27 -14.04
C SER D 210 14.67 45.20 -14.62
N PRO D 211 13.48 45.59 -15.04
CA PRO D 211 12.59 44.64 -15.71
C PRO D 211 13.31 43.89 -16.83
N VAL D 212 13.03 42.61 -16.93
CA VAL D 212 13.50 41.79 -18.05
C VAL D 212 12.34 41.60 -19.03
N THR D 213 12.60 41.85 -20.31
CA THR D 213 11.63 41.66 -21.38
C THR D 213 12.10 40.54 -22.29
N LYS D 214 11.21 39.60 -22.56
CA LYS D 214 11.48 38.51 -23.49
C LYS D 214 10.42 38.56 -24.57
N SER D 215 10.84 38.45 -25.84
CA SER D 215 9.91 38.69 -26.93
C SER D 215 10.35 37.99 -28.20
N PHE D 216 9.43 37.93 -29.17
CA PHE D 216 9.70 37.44 -30.51
C PHE D 216 8.87 38.21 -31.52
N ASN D 217 9.23 38.04 -32.80
CA ASN D 217 8.49 38.57 -33.93
C ASN D 217 7.76 37.45 -34.67
N ARG D 218 6.81 37.85 -35.49
CA ARG D 218 5.85 37.00 -36.22
C ARG D 218 4.66 36.66 -35.33
#